data_8BYT
#
_entry.id   8BYT
#
_cell.length_a   1.00
_cell.length_b   1.00
_cell.length_c   1.00
_cell.angle_alpha   90.00
_cell.angle_beta   90.00
_cell.angle_gamma   90.00
#
_symmetry.space_group_name_H-M   'P 1'
#
_entity_poly.entity_id   1
_entity_poly.type   'polypeptide(L)'
_entity_poly.pdbx_seq_one_letter_code
;MRYIRQLCCVSLLCLSGSAAAANVRLQHHHHHHHLEAANPFSDVTPDSWAYQAVSQLAQAGIVNGYPDGTFKGQNNITRY
EMAQMVAKAMANQDRANAEQQAMINRLADEFSNELNNLGVRVSRLEDRVGNVKVTGDARIRYQGSEDKGVYKANSKSLTD
GRARVQFNANVNDKTQAVVRVKGNYEFGDSTKGSQATIDRAYVDHKFGSNVSAKAGRFQQTIGGGLMYDDTFDGAQLNVG
NDKVQVQGAYGYMIDGAADGNSKSDNPSVSYVGLKGKVGKESSVGGFYSRLSSGNLNHNGVTVNSDKQDVYGFNADFRKN
KLWAGGEWLKASNVDNSQAWTAGLGYGNYDIAKKGTWDVKGQYFNQKANAPIVSSTWDQAYDLTNTSNGYKGYMASVDYA
VQDNVGLSAGYGFNSKDQSGNDLSDFYRAELNYKF
;
_entity_poly.pdbx_strand_id   A,B,C
#
# COMPACT_ATOMS: atom_id res chain seq x y z
N ARG A 128 15.84 0.57 19.13
CA ARG A 128 15.05 0.88 17.95
C ARG A 128 14.65 -0.39 17.20
N VAL A 129 15.36 -1.48 17.47
CA VAL A 129 15.04 -2.77 16.85
C VAL A 129 13.89 -3.42 17.60
N GLY A 130 13.02 -4.09 16.86
CA GLY A 130 11.88 -4.77 17.43
C GLY A 130 11.86 -6.23 17.04
N ASN A 131 10.65 -6.76 16.89
CA ASN A 131 10.45 -8.15 16.51
C ASN A 131 10.27 -8.33 15.00
N VAL A 132 10.29 -7.25 14.23
CA VAL A 132 10.01 -7.29 12.80
C VAL A 132 11.32 -7.15 12.04
N LYS A 133 11.56 -8.06 11.10
CA LYS A 133 12.69 -7.99 10.18
C LYS A 133 12.18 -7.74 8.77
N VAL A 134 12.77 -6.75 8.10
CA VAL A 134 12.30 -6.30 6.79
C VAL A 134 13.20 -6.92 5.73
N THR A 135 12.58 -7.65 4.81
CA THR A 135 13.24 -8.19 3.63
C THR A 135 12.45 -7.78 2.40
N GLY A 136 12.83 -8.30 1.24
CA GLY A 136 12.11 -8.01 0.02
C GLY A 136 12.89 -8.41 -1.20
N ASP A 137 12.34 -8.06 -2.35
CA ASP A 137 12.97 -8.35 -3.63
C ASP A 137 12.45 -7.37 -4.67
N ALA A 138 13.21 -7.25 -5.76
CA ALA A 138 12.84 -6.41 -6.90
C ALA A 138 13.09 -7.20 -8.18
N ARG A 139 12.23 -6.98 -9.17
CA ARG A 139 12.31 -7.72 -10.43
C ARG A 139 12.04 -6.78 -11.60
N ILE A 140 12.83 -6.92 -12.66
CA ILE A 140 12.60 -6.23 -13.93
C ILE A 140 12.47 -7.32 -14.98
N ARG A 141 11.24 -7.57 -15.42
CA ARG A 141 10.92 -8.71 -16.27
C ARG A 141 10.52 -8.25 -17.67
N TYR A 142 10.92 -9.03 -18.66
CA TYR A 142 10.49 -8.84 -20.04
C TYR A 142 9.87 -10.14 -20.55
N GLN A 143 8.72 -10.00 -21.21
CA GLN A 143 7.99 -11.13 -21.77
C GLN A 143 7.59 -10.82 -23.20
N GLY A 144 7.68 -11.82 -24.07
CA GLY A 144 7.34 -11.63 -25.47
C GLY A 144 6.85 -12.92 -26.09
N SER A 145 6.26 -12.77 -27.27
CA SER A 145 5.73 -13.91 -28.01
C SER A 145 5.65 -13.54 -29.49
N GLU A 146 5.49 -14.56 -30.32
CA GLU A 146 5.33 -14.35 -31.76
C GLU A 146 3.92 -13.95 -32.15
N ASP A 147 2.95 -14.05 -31.23
CA ASP A 147 1.58 -13.66 -31.48
C ASP A 147 1.12 -12.69 -30.40
N LYS A 148 0.16 -11.85 -30.75
CA LYS A 148 -0.34 -10.83 -29.83
C LYS A 148 -1.38 -11.42 -28.89
N GLY A 149 -1.37 -10.95 -27.64
CA GLY A 149 -2.36 -11.33 -26.66
C GLY A 149 -1.91 -12.35 -25.63
N VAL A 150 -0.74 -12.96 -25.83
CA VAL A 150 -0.27 -13.98 -24.89
C VAL A 150 0.00 -13.37 -23.52
N TYR A 151 0.69 -12.23 -23.49
CA TYR A 151 1.04 -11.56 -22.25
C TYR A 151 0.32 -10.23 -22.08
N LYS A 152 0.28 -9.41 -23.13
CA LYS A 152 -0.42 -8.14 -23.11
C LYS A 152 -1.45 -8.12 -24.23
N ALA A 153 -2.61 -7.54 -23.94
CA ALA A 153 -3.68 -7.49 -24.93
C ALA A 153 -3.28 -6.63 -26.13
N ASN A 154 -3.55 -7.14 -27.33
CA ASN A 154 -3.31 -6.43 -28.59
C ASN A 154 -1.84 -6.11 -28.81
N SER A 155 -0.94 -6.87 -28.20
CA SER A 155 0.49 -6.69 -28.41
C SER A 155 1.21 -7.99 -28.07
N LYS A 156 2.43 -8.13 -28.59
CA LYS A 156 3.22 -9.33 -28.43
C LYS A 156 4.45 -9.11 -27.54
N SER A 157 4.36 -8.15 -26.61
CA SER A 157 5.46 -7.89 -25.69
C SER A 157 4.90 -7.30 -24.41
N LEU A 158 5.69 -7.39 -23.34
CA LEU A 158 5.30 -6.84 -22.05
C LEU A 158 6.54 -6.65 -21.20
N THR A 159 6.88 -5.41 -20.88
CA THR A 159 7.96 -5.09 -19.96
C THR A 159 7.36 -4.48 -18.70
N ASP A 160 7.66 -5.09 -17.54
CA ASP A 160 7.07 -4.68 -16.28
C ASP A 160 8.09 -4.88 -15.16
N GLY A 161 7.84 -4.23 -14.04
CA GLY A 161 8.68 -4.37 -12.87
C GLY A 161 7.85 -4.66 -11.64
N ARG A 162 8.47 -5.35 -10.69
CA ARG A 162 7.82 -5.73 -9.45
C ARG A 162 8.71 -5.38 -8.27
N ALA A 163 8.10 -4.85 -7.21
CA ALA A 163 8.79 -4.54 -5.96
C ALA A 163 7.97 -5.09 -4.81
N ARG A 164 8.60 -5.94 -3.99
CA ARG A 164 7.94 -6.54 -2.84
C ARG A 164 8.75 -6.26 -1.59
N VAL A 165 8.06 -5.92 -0.50
CA VAL A 165 8.67 -5.71 0.80
C VAL A 165 7.97 -6.63 1.79
N GLN A 166 8.73 -7.49 2.46
CA GLN A 166 8.17 -8.47 3.38
C GLN A 166 8.61 -8.14 4.80
N PHE A 167 7.68 -8.24 5.73
CA PHE A 167 7.94 -7.99 7.15
C PHE A 167 7.78 -9.30 7.90
N ASN A 168 8.89 -9.84 8.38
CA ASN A 168 8.92 -11.09 9.15
C ASN A 168 8.98 -10.72 10.62
N ALA A 169 7.94 -11.10 11.37
CA ALA A 169 7.79 -10.71 12.76
C ALA A 169 7.77 -11.95 13.65
N ASN A 170 8.46 -11.87 14.78
CA ASN A 170 8.47 -12.93 15.78
C ASN A 170 7.51 -12.54 16.89
N VAL A 171 6.30 -13.12 16.86
CA VAL A 171 5.32 -12.85 17.90
C VAL A 171 5.81 -13.36 19.25
N ASN A 172 6.34 -14.58 19.26
CA ASN A 172 6.95 -15.16 20.46
C ASN A 172 7.92 -16.25 20.01
N ASP A 173 8.36 -17.08 20.96
CA ASP A 173 9.35 -18.10 20.65
C ASP A 173 8.85 -19.13 19.65
N LYS A 174 7.53 -19.39 19.63
CA LYS A 174 6.97 -20.41 18.76
C LYS A 174 5.94 -19.89 17.77
N THR A 175 5.73 -18.58 17.70
CA THR A 175 4.77 -18.00 16.76
C THR A 175 5.44 -16.88 15.98
N GLN A 176 5.19 -16.84 14.68
CA GLN A 176 5.72 -15.80 13.81
C GLN A 176 4.66 -15.40 12.79
N ALA A 177 4.69 -14.14 12.40
CA ALA A 177 3.73 -13.58 11.46
C ALA A 177 4.48 -12.93 10.30
N VAL A 178 3.98 -13.14 9.09
CA VAL A 178 4.60 -12.63 7.87
C VAL A 178 3.59 -11.77 7.13
N VAL A 179 3.97 -10.53 6.82
CA VAL A 179 3.17 -9.62 6.03
C VAL A 179 4.04 -9.11 4.88
N ARG A 180 3.55 -9.24 3.66
CA ARG A 180 4.29 -8.82 2.47
C ARG A 180 3.46 -7.80 1.69
N VAL A 181 4.09 -6.70 1.32
CA VAL A 181 3.48 -5.65 0.50
C VAL A 181 4.09 -5.73 -0.89
N LYS A 182 3.23 -5.80 -1.90
CA LYS A 182 3.66 -6.06 -3.28
C LYS A 182 3.12 -4.98 -4.20
N GLY A 183 3.93 -4.56 -5.16
CA GLY A 183 3.52 -3.57 -6.13
C GLY A 183 4.02 -3.86 -7.54
N ASN A 184 3.11 -3.93 -8.50
CA ASN A 184 3.44 -4.17 -9.89
C ASN A 184 3.23 -2.90 -10.70
N TYR A 185 4.16 -2.63 -11.61
CA TYR A 185 4.03 -1.51 -12.53
C TYR A 185 4.52 -1.95 -13.91
N GLU A 186 4.01 -1.27 -14.94
CA GLU A 186 4.44 -1.48 -16.31
C GLU A 186 5.26 -0.27 -16.75
N PHE A 187 6.37 -0.54 -17.45
CA PHE A 187 7.24 0.53 -17.91
C PHE A 187 6.51 1.39 -18.94
N GLY A 188 6.15 2.61 -18.54
CA GLY A 188 5.47 3.54 -19.42
C GLY A 188 3.99 3.67 -19.21
N ASP A 189 3.39 2.80 -18.40
CA ASP A 189 1.94 2.83 -18.15
C ASP A 189 1.69 3.78 -16.98
N SER A 190 1.18 4.97 -17.28
CA SER A 190 0.91 5.99 -16.28
C SER A 190 -0.59 6.23 -16.09
N THR A 191 -1.44 5.33 -16.59
CA THR A 191 -2.88 5.50 -16.41
C THR A 191 -3.25 5.44 -14.92
N LYS A 192 -2.64 4.51 -14.19
CA LYS A 192 -2.88 4.38 -12.75
C LYS A 192 -1.55 4.22 -12.03
N GLY A 193 -1.54 4.57 -10.76
CA GLY A 193 -0.36 4.39 -9.95
C GLY A 193 -0.12 2.93 -9.62
N SER A 194 1.05 2.65 -9.05
CA SER A 194 1.41 1.30 -8.65
C SER A 194 0.84 1.04 -7.26
N GLN A 195 -0.44 0.70 -7.22
CA GLN A 195 -1.12 0.42 -5.97
C GLN A 195 -0.44 -0.72 -5.23
N ALA A 196 -0.23 -0.53 -3.93
CA ALA A 196 0.40 -1.55 -3.10
C ALA A 196 -0.67 -2.47 -2.53
N THR A 197 -0.48 -3.78 -2.71
CA THR A 197 -1.42 -4.78 -2.23
C THR A 197 -0.70 -5.73 -1.27
N ILE A 198 -1.45 -6.19 -0.26
CA ILE A 198 -0.92 -7.12 0.74
C ILE A 198 -0.93 -8.51 0.11
N ASP A 199 0.21 -8.92 -0.44
CA ASP A 199 0.31 -10.22 -1.09
C ASP A 199 0.16 -11.36 -0.08
N ARG A 200 0.83 -11.24 1.07
CA ARG A 200 0.83 -12.28 2.08
C ARG A 200 0.50 -11.69 3.44
N ALA A 201 -0.35 -12.39 4.19
CA ALA A 201 -0.67 -12.00 5.56
C ALA A 201 -1.13 -13.27 6.28
N TYR A 202 -0.23 -13.85 7.07
CA TYR A 202 -0.52 -15.12 7.73
C TYR A 202 0.34 -15.24 8.99
N VAL A 203 -0.03 -16.20 9.83
CA VAL A 203 0.67 -16.49 11.07
C VAL A 203 1.07 -17.95 11.07
N ASP A 204 2.31 -18.22 11.47
CA ASP A 204 2.88 -19.56 11.49
C ASP A 204 3.09 -19.99 12.93
N HIS A 205 2.53 -21.14 13.30
CA HIS A 205 2.66 -21.70 14.64
C HIS A 205 3.48 -22.97 14.59
N LYS A 206 4.35 -23.14 15.59
CA LYS A 206 5.19 -24.33 15.72
C LYS A 206 4.70 -25.09 16.95
N PHE A 207 3.82 -26.07 16.74
CA PHE A 207 3.25 -26.86 17.82
C PHE A 207 4.16 -28.06 18.13
N GLY A 208 5.39 -27.74 18.56
CA GLY A 208 6.37 -28.75 18.85
C GLY A 208 7.51 -28.75 17.86
N SER A 209 8.03 -29.94 17.55
CA SER A 209 9.12 -30.08 16.59
C SER A 209 8.68 -30.76 15.30
N ASN A 210 7.49 -31.34 15.26
CA ASN A 210 7.00 -32.04 14.07
C ASN A 210 5.70 -31.48 13.52
N VAL A 211 4.99 -30.64 14.25
CA VAL A 211 3.68 -30.13 13.85
C VAL A 211 3.79 -28.62 13.67
N SER A 212 3.31 -28.13 12.53
CA SER A 212 3.27 -26.71 12.23
C SER A 212 1.90 -26.37 11.65
N ALA A 213 1.51 -25.11 11.79
CA ALA A 213 0.20 -24.66 11.32
C ALA A 213 0.30 -23.25 10.76
N LYS A 214 -0.46 -23.00 9.70
CA LYS A 214 -0.56 -21.68 9.08
C LYS A 214 -2.03 -21.29 8.98
N ALA A 215 -2.29 -19.99 9.02
CA ALA A 215 -3.64 -19.46 8.88
C ALA A 215 -3.57 -18.04 8.35
N GLY A 216 -4.47 -17.71 7.42
CA GLY A 216 -4.51 -16.40 6.81
C GLY A 216 -4.29 -16.48 5.31
N ARG A 217 -3.54 -15.51 4.79
CA ARG A 217 -3.25 -15.42 3.36
C ARG A 217 -1.78 -15.79 3.14
N PHE A 218 -1.55 -17.01 2.65
CA PHE A 218 -0.20 -17.51 2.45
C PHE A 218 -0.04 -18.12 1.06
N GLN A 219 1.08 -18.79 0.82
CA GLN A 219 1.34 -19.46 -0.45
C GLN A 219 1.14 -20.97 -0.28
N GLN A 220 0.32 -21.55 -1.14
CA GLN A 220 0.04 -22.98 -1.12
C GLN A 220 0.50 -23.61 -2.42
N THR A 221 1.25 -24.71 -2.30
CA THR A 221 1.72 -25.49 -3.44
C THR A 221 0.92 -26.79 -3.47
N ILE A 222 0.03 -26.92 -4.45
CA ILE A 222 -0.80 -28.11 -4.58
C ILE A 222 -0.01 -29.15 -5.38
N GLY A 223 0.54 -30.14 -4.68
CA GLY A 223 1.37 -31.15 -5.30
C GLY A 223 2.78 -30.64 -5.55
N GLY A 224 3.28 -30.84 -6.77
CA GLY A 224 4.57 -30.32 -7.15
C GLY A 224 4.55 -28.90 -7.66
N GLY A 225 3.38 -28.26 -7.70
CA GLY A 225 3.25 -26.90 -8.18
C GLY A 225 2.69 -26.77 -9.58
N LEU A 226 2.56 -27.88 -10.31
CA LEU A 226 2.01 -27.81 -11.66
C LEU A 226 0.56 -27.32 -11.64
N MET A 227 -0.25 -27.85 -10.73
CA MET A 227 -1.65 -27.43 -10.66
C MET A 227 -1.78 -26.01 -10.12
N TYR A 228 -1.11 -25.72 -9.00
CA TYR A 228 -1.27 -24.43 -8.35
C TYR A 228 -0.12 -24.19 -7.38
N ASP A 229 0.50 -23.03 -7.47
CA ASP A 229 1.47 -22.56 -6.47
C ASP A 229 1.37 -21.04 -6.44
N ASP A 230 0.54 -20.52 -5.54
CA ASP A 230 0.23 -19.10 -5.51
C ASP A 230 -0.49 -18.79 -4.20
N THR A 231 -1.07 -17.59 -4.12
CA THR A 231 -1.74 -17.12 -2.91
C THR A 231 -2.89 -18.05 -2.53
N PHE A 232 -3.12 -18.18 -1.22
CA PHE A 232 -4.10 -19.11 -0.68
C PHE A 232 -4.66 -18.56 0.62
N ASP A 233 -5.98 -18.44 0.70
CA ASP A 233 -6.65 -18.04 1.93
C ASP A 233 -7.23 -19.28 2.60
N GLY A 234 -6.90 -19.47 3.87
CA GLY A 234 -7.39 -20.60 4.61
C GLY A 234 -6.41 -21.00 5.71
N ALA A 235 -6.38 -22.29 6.01
CA ALA A 235 -5.50 -22.84 7.04
C ALA A 235 -4.68 -23.97 6.45
N GLN A 236 -3.48 -24.15 7.00
CA GLN A 236 -2.57 -25.20 6.57
C GLN A 236 -2.00 -25.90 7.77
N LEU A 237 -1.91 -27.23 7.70
CA LEU A 237 -1.38 -28.06 8.77
C LEU A 237 -0.23 -28.90 8.24
N ASN A 238 0.86 -28.96 9.00
CA ASN A 238 2.07 -29.67 8.59
C ASN A 238 2.45 -30.67 9.67
N VAL A 239 2.73 -31.91 9.25
CA VAL A 239 3.22 -32.96 10.13
C VAL A 239 4.42 -33.60 9.45
N GLY A 240 5.62 -33.32 9.94
CA GLY A 240 6.84 -33.76 9.29
C GLY A 240 7.63 -34.71 10.17
N ASN A 241 8.58 -35.41 9.54
CA ASN A 241 9.44 -36.36 10.23
C ASN A 241 10.87 -36.28 9.73
N ASP A 242 11.19 -35.25 8.94
CA ASP A 242 12.49 -34.98 8.31
C ASP A 242 12.81 -35.98 7.21
N LYS A 243 11.98 -37.00 6.99
CA LYS A 243 12.15 -37.92 5.88
C LYS A 243 10.81 -38.12 5.17
N VAL A 244 9.71 -37.92 5.90
CA VAL A 244 8.37 -37.96 5.33
C VAL A 244 7.59 -36.78 5.90
N GLN A 245 6.81 -36.13 5.04
CA GLN A 245 6.06 -34.94 5.42
C GLN A 245 4.62 -35.07 4.95
N VAL A 246 3.69 -34.66 5.81
CA VAL A 246 2.27 -34.63 5.49
C VAL A 246 1.78 -33.20 5.65
N GLN A 247 1.12 -32.68 4.61
CA GLN A 247 0.59 -31.33 4.61
C GLN A 247 -0.89 -31.37 4.27
N GLY A 248 -1.70 -30.68 5.06
CA GLY A 248 -3.12 -30.57 4.80
C GLY A 248 -3.58 -29.14 4.79
N ALA A 249 -4.25 -28.73 3.72
CA ALA A 249 -4.70 -27.36 3.56
C ALA A 249 -6.19 -27.32 3.25
N TYR A 250 -6.86 -26.30 3.78
CA TYR A 250 -8.28 -26.07 3.52
C TYR A 250 -8.49 -24.58 3.30
N GLY A 251 -9.05 -24.22 2.15
CA GLY A 251 -9.28 -22.82 1.85
C GLY A 251 -9.58 -22.53 0.40
N TYR A 252 -9.20 -21.34 -0.07
CA TYR A 252 -9.55 -20.87 -1.39
C TYR A 252 -8.30 -20.39 -2.12
N MET A 253 -8.28 -20.58 -3.44
CA MET A 253 -7.24 -20.05 -4.30
C MET A 253 -7.61 -18.63 -4.72
N ILE A 254 -6.59 -17.78 -4.85
CA ILE A 254 -6.77 -16.36 -5.08
C ILE A 254 -6.38 -15.96 -6.50
N ASP A 255 -5.23 -16.43 -6.97
CA ASP A 255 -4.73 -16.06 -8.29
C ASP A 255 -4.97 -17.17 -9.30
N GLY A 256 -4.76 -16.83 -10.57
CA GLY A 256 -4.95 -17.77 -11.65
C GLY A 256 -6.38 -17.79 -12.17
N ALA A 257 -6.89 -18.99 -12.45
CA ALA A 257 -8.28 -19.12 -12.86
C ALA A 257 -9.25 -18.82 -11.72
N ALA A 258 -8.78 -18.79 -10.48
CA ALA A 258 -9.60 -18.45 -9.33
C ALA A 258 -9.66 -16.95 -9.07
N ASP A 259 -8.98 -16.14 -9.88
CA ASP A 259 -9.02 -14.70 -9.71
C ASP A 259 -10.35 -14.14 -10.18
N GLY A 260 -10.82 -13.10 -9.50
CA GLY A 260 -12.08 -12.48 -9.86
C GLY A 260 -13.31 -13.17 -9.34
N ASN A 261 -13.16 -14.10 -8.39
CA ASN A 261 -14.28 -14.84 -7.83
C ASN A 261 -14.58 -14.34 -6.43
N SER A 262 -15.86 -14.13 -6.13
CA SER A 262 -16.28 -13.78 -4.79
C SER A 262 -16.18 -15.02 -3.89
N LYS A 263 -16.49 -14.82 -2.60
CA LYS A 263 -16.39 -15.92 -1.65
C LYS A 263 -17.35 -17.05 -2.00
N SER A 264 -18.57 -16.70 -2.42
CA SER A 264 -19.55 -17.73 -2.77
C SER A 264 -19.18 -18.45 -4.06
N ASP A 265 -18.59 -17.72 -5.01
CA ASP A 265 -18.25 -18.29 -6.31
C ASP A 265 -16.87 -18.93 -6.35
N ASN A 266 -16.06 -18.77 -5.31
CA ASN A 266 -14.71 -19.33 -5.29
C ASN A 266 -14.78 -20.76 -4.76
N PRO A 267 -14.39 -21.77 -5.55
CA PRO A 267 -14.39 -23.14 -5.03
C PRO A 267 -13.40 -23.31 -3.89
N SER A 268 -13.79 -24.13 -2.91
CA SER A 268 -12.93 -24.41 -1.77
C SER A 268 -12.08 -25.64 -2.07
N VAL A 269 -10.85 -25.64 -1.56
CA VAL A 269 -9.89 -26.70 -1.81
C VAL A 269 -9.63 -27.43 -0.51
N SER A 270 -9.87 -28.74 -0.52
CA SER A 270 -9.53 -29.63 0.59
C SER A 270 -8.39 -30.52 0.12
N TYR A 271 -7.17 -30.13 0.45
CA TYR A 271 -5.97 -30.73 -0.12
C TYR A 271 -5.18 -31.46 0.96
N VAL A 272 -4.71 -32.65 0.63
CA VAL A 272 -3.80 -33.42 1.49
C VAL A 272 -2.63 -33.89 0.62
N GLY A 273 -1.43 -33.77 1.15
CA GLY A 273 -0.24 -34.11 0.40
C GLY A 273 0.79 -34.90 1.16
N LEU A 274 1.44 -35.84 0.50
CA LEU A 274 2.49 -36.66 1.08
C LEU A 274 3.79 -36.41 0.33
N LYS A 275 4.88 -36.26 1.07
CA LYS A 275 6.20 -36.02 0.49
C LYS A 275 7.23 -36.82 1.26
N GLY A 276 7.85 -37.79 0.60
CA GLY A 276 8.87 -38.64 1.20
C GLY A 276 10.22 -38.41 0.54
N LYS A 277 11.29 -38.56 1.32
CA LYS A 277 12.64 -38.38 0.82
C LYS A 277 13.19 -39.74 0.40
N VAL A 278 13.30 -39.97 -0.91
CA VAL A 278 13.78 -41.24 -1.41
C VAL A 278 15.30 -41.33 -1.33
N GLY A 279 16.02 -40.21 -1.37
CA GLY A 279 17.46 -40.22 -1.28
C GLY A 279 18.00 -39.17 -0.33
N LYS A 280 19.28 -38.83 -0.47
CA LYS A 280 19.87 -37.80 0.39
C LYS A 280 19.19 -36.45 0.16
N GLU A 281 18.94 -36.10 -1.10
CA GLU A 281 18.21 -34.89 -1.42
C GLU A 281 17.12 -35.07 -2.47
N SER A 282 17.02 -36.25 -3.09
CA SER A 282 15.89 -36.53 -3.97
C SER A 282 14.64 -36.82 -3.16
N SER A 283 13.48 -36.61 -3.77
CA SER A 283 12.22 -36.82 -3.07
C SER A 283 11.13 -37.17 -4.06
N VAL A 284 10.17 -37.98 -3.60
CA VAL A 284 8.98 -38.32 -4.36
C VAL A 284 7.77 -38.06 -3.46
N GLY A 285 6.60 -37.95 -4.09
CA GLY A 285 5.40 -37.69 -3.31
C GLY A 285 4.16 -37.77 -4.17
N GLY A 286 3.03 -37.45 -3.54
CA GLY A 286 1.74 -37.42 -4.21
C GLY A 286 0.78 -36.56 -3.43
N PHE A 287 -0.42 -36.40 -3.98
CA PHE A 287 -1.40 -35.55 -3.34
C PHE A 287 -2.80 -35.96 -3.79
N TYR A 288 -3.80 -35.57 -2.99
CA TYR A 288 -5.20 -35.73 -3.34
C TYR A 288 -5.93 -34.45 -2.94
N SER A 289 -6.63 -33.85 -3.89
CA SER A 289 -7.32 -32.59 -3.67
C SER A 289 -8.79 -32.73 -4.03
N ARG A 290 -9.62 -31.97 -3.34
CA ARG A 290 -11.06 -31.94 -3.58
C ARG A 290 -11.52 -30.50 -3.75
N LEU A 291 -11.99 -30.18 -4.95
CA LEU A 291 -12.49 -28.85 -5.28
C LEU A 291 -14.00 -28.87 -5.33
N SER A 292 -14.64 -27.93 -4.63
CA SER A 292 -16.09 -27.84 -4.64
C SER A 292 -16.56 -27.10 -5.89
N SER A 293 -17.88 -26.93 -6.01
CA SER A 293 -18.43 -26.19 -7.13
C SER A 293 -18.05 -24.73 -7.03
N GLY A 294 -17.68 -24.15 -8.17
CA GLY A 294 -17.27 -22.75 -8.20
C GLY A 294 -16.96 -22.32 -9.62
N ASN A 295 -16.67 -21.03 -9.75
CA ASN A 295 -16.40 -20.44 -11.06
C ASN A 295 -14.90 -20.34 -11.28
N LEU A 296 -14.44 -20.79 -12.45
CA LEU A 296 -13.05 -20.71 -12.85
C LEU A 296 -12.95 -20.08 -14.22
N ASN A 297 -11.84 -19.41 -14.47
CA ASN A 297 -11.61 -18.70 -15.73
C ASN A 297 -11.13 -19.70 -16.78
N HIS A 298 -12.01 -20.02 -17.72
CA HIS A 298 -11.69 -20.95 -18.81
C HIS A 298 -11.62 -20.16 -20.11
N ASN A 299 -10.40 -19.94 -20.60
CA ASN A 299 -10.16 -19.20 -21.84
C ASN A 299 -10.82 -17.81 -21.80
N GLY A 300 -10.70 -17.15 -20.66
CA GLY A 300 -11.26 -15.82 -20.50
C GLY A 300 -12.73 -15.78 -20.18
N VAL A 301 -13.38 -16.93 -20.01
CA VAL A 301 -14.80 -17.01 -19.70
C VAL A 301 -14.95 -17.78 -18.39
N THR A 302 -15.62 -17.17 -17.43
CA THR A 302 -15.85 -17.80 -16.13
C THR A 302 -17.04 -18.75 -16.24
N VAL A 303 -16.77 -20.04 -16.06
CA VAL A 303 -17.79 -21.07 -16.15
C VAL A 303 -17.89 -21.78 -14.81
N ASN A 304 -19.10 -22.21 -14.47
CA ASN A 304 -19.34 -22.94 -13.23
C ASN A 304 -19.10 -24.42 -13.46
N SER A 305 -18.32 -25.04 -12.58
CA SER A 305 -17.95 -26.44 -12.69
C SER A 305 -18.39 -27.18 -11.44
N ASP A 306 -18.59 -28.50 -11.59
CA ASP A 306 -19.04 -29.34 -10.49
C ASP A 306 -17.84 -29.70 -9.61
N LYS A 307 -18.05 -30.64 -8.69
CA LYS A 307 -16.97 -31.06 -7.81
C LYS A 307 -15.86 -31.75 -8.60
N GLN A 308 -14.62 -31.50 -8.19
CA GLN A 308 -13.45 -32.11 -8.82
C GLN A 308 -12.61 -32.79 -7.75
N ASP A 309 -12.22 -34.03 -8.03
CA ASP A 309 -11.32 -34.79 -7.16
C ASP A 309 -9.99 -34.93 -7.91
N VAL A 310 -9.04 -34.07 -7.60
CA VAL A 310 -7.76 -34.03 -8.30
C VAL A 310 -6.72 -34.78 -7.47
N TYR A 311 -6.08 -35.76 -8.09
CA TYR A 311 -5.00 -36.51 -7.46
C TYR A 311 -3.80 -36.52 -8.40
N GLY A 312 -2.61 -36.68 -7.84
CA GLY A 312 -1.42 -36.66 -8.67
C GLY A 312 -0.21 -37.18 -7.92
N PHE A 313 0.86 -37.38 -8.68
CA PHE A 313 2.13 -37.84 -8.16
C PHE A 313 3.25 -37.01 -8.77
N ASN A 314 4.37 -36.93 -8.06
CA ASN A 314 5.52 -36.18 -8.54
C ASN A 314 6.80 -36.85 -8.07
N ALA A 315 7.88 -36.55 -8.79
CA ALA A 315 9.21 -37.05 -8.45
C ALA A 315 10.22 -35.94 -8.68
N ASP A 316 11.22 -35.87 -7.81
CA ASP A 316 12.23 -34.82 -7.89
C ASP A 316 13.58 -35.44 -7.51
N PHE A 317 14.35 -35.82 -8.52
CA PHE A 317 15.66 -36.43 -8.31
C PHE A 317 16.76 -35.39 -8.55
N ARG A 318 17.74 -35.37 -7.64
CA ARG A 318 18.81 -34.38 -7.68
C ARG A 318 20.11 -35.08 -7.27
N LYS A 319 20.92 -35.44 -8.25
CA LYS A 319 22.21 -36.10 -8.01
C LYS A 319 23.32 -35.17 -8.46
N ASN A 320 24.22 -34.83 -7.53
CA ASN A 320 25.28 -33.87 -7.78
C ASN A 320 24.71 -32.56 -8.29
N LYS A 321 24.97 -32.25 -9.57
CA LYS A 321 24.38 -31.09 -10.22
C LYS A 321 23.24 -31.45 -11.16
N LEU A 322 23.11 -32.72 -11.52
CA LEU A 322 22.03 -33.14 -12.41
C LEU A 322 20.69 -33.11 -11.68
N TRP A 323 19.64 -32.70 -12.39
CA TRP A 323 18.30 -32.69 -11.85
C TRP A 323 17.35 -33.33 -12.86
N ALA A 324 16.47 -34.19 -12.36
CA ALA A 324 15.48 -34.88 -13.19
C ALA A 324 14.19 -34.94 -12.40
N GLY A 325 13.21 -34.13 -12.80
CA GLY A 325 11.94 -34.05 -12.09
C GLY A 325 10.78 -34.27 -13.03
N GLY A 326 9.62 -34.55 -12.45
CA GLY A 326 8.41 -34.75 -13.23
C GLY A 326 7.20 -34.78 -12.32
N GLU A 327 6.04 -34.51 -12.90
CA GLU A 327 4.79 -34.50 -12.15
C GLU A 327 3.66 -34.93 -13.07
N TRP A 328 2.70 -35.65 -12.51
CA TRP A 328 1.51 -36.10 -13.23
C TRP A 328 0.29 -35.88 -12.35
N LEU A 329 -0.76 -35.29 -12.92
CA LEU A 329 -1.99 -35.06 -12.18
C LEU A 329 -3.17 -35.31 -13.10
N LYS A 330 -4.32 -35.62 -12.48
CA LYS A 330 -5.53 -35.91 -13.22
C LYS A 330 -6.73 -35.74 -12.30
N ALA A 331 -7.83 -35.24 -12.85
CA ALA A 331 -9.11 -35.20 -12.16
C ALA A 331 -9.90 -36.45 -12.54
N SER A 332 -10.28 -37.24 -11.53
CA SER A 332 -10.89 -38.54 -11.80
C SER A 332 -12.23 -38.41 -12.51
N ASN A 333 -13.07 -37.46 -12.07
CA ASN A 333 -14.42 -37.36 -12.61
C ASN A 333 -14.48 -36.57 -13.91
N VAL A 334 -13.48 -35.75 -14.20
CA VAL A 334 -13.48 -34.95 -15.44
C VAL A 334 -12.62 -35.65 -16.48
N ASP A 335 -13.17 -35.82 -17.68
CA ASP A 335 -12.44 -36.41 -18.79
C ASP A 335 -11.54 -35.37 -19.44
N ASN A 336 -10.45 -35.86 -20.05
CA ASN A 336 -9.43 -34.99 -20.65
C ASN A 336 -8.90 -33.98 -19.65
N SER A 337 -8.70 -34.42 -18.41
CA SER A 337 -8.18 -33.59 -17.34
C SER A 337 -6.74 -33.93 -16.99
N GLN A 338 -6.11 -34.84 -17.72
CA GLN A 338 -4.75 -35.24 -17.41
C GLN A 338 -3.76 -34.14 -17.79
N ALA A 339 -2.78 -33.93 -16.92
CA ALA A 339 -1.69 -32.99 -17.18
C ALA A 339 -0.43 -33.51 -16.53
N TRP A 340 0.68 -33.46 -17.28
CA TRP A 340 1.96 -33.91 -16.76
C TRP A 340 3.08 -33.07 -17.34
N THR A 341 4.21 -33.09 -16.63
CA THR A 341 5.41 -32.39 -17.05
C THR A 341 6.63 -33.23 -16.69
N ALA A 342 7.73 -32.99 -17.41
CA ALA A 342 8.99 -33.68 -17.16
C ALA A 342 10.12 -32.83 -17.72
N GLY A 343 11.24 -32.80 -17.00
CA GLY A 343 12.36 -31.98 -17.43
C GLY A 343 13.67 -32.49 -16.89
N LEU A 344 14.76 -32.10 -17.53
CA LEU A 344 16.11 -32.41 -17.11
C LEU A 344 16.88 -31.10 -16.89
N GLY A 345 17.79 -31.12 -15.92
CA GLY A 345 18.51 -29.93 -15.58
C GLY A 345 19.93 -30.24 -15.14
N TYR A 346 20.75 -29.19 -15.13
CA TYR A 346 22.14 -29.29 -14.68
C TYR A 346 22.60 -27.90 -14.26
N GLY A 347 23.00 -27.77 -13.02
CA GLY A 347 23.49 -26.49 -12.52
C GLY A 347 23.56 -26.49 -11.01
N ASN A 348 24.06 -25.38 -10.48
CA ASN A 348 24.20 -25.16 -9.05
C ASN A 348 23.74 -23.76 -8.69
N TYR A 349 22.61 -23.35 -9.27
CA TYR A 349 22.17 -21.96 -9.14
C TYR A 349 21.83 -21.60 -7.71
N ASP A 350 22.35 -20.46 -7.27
CA ASP A 350 21.98 -19.85 -6.00
C ASP A 350 22.16 -18.36 -6.15
N ILE A 351 21.07 -17.60 -5.99
CA ILE A 351 21.11 -16.18 -6.25
C ILE A 351 22.08 -15.48 -5.31
N ALA A 352 22.25 -16.02 -4.10
CA ALA A 352 23.14 -15.39 -3.13
C ALA A 352 24.62 -15.55 -3.48
N LYS A 353 24.96 -16.52 -4.33
CA LYS A 353 26.35 -16.80 -4.69
C LYS A 353 26.60 -16.34 -6.12
N LYS A 354 27.60 -15.49 -6.30
CA LYS A 354 27.96 -15.01 -7.63
C LYS A 354 28.57 -16.13 -8.46
N GLY A 355 28.23 -16.15 -9.74
CA GLY A 355 28.80 -17.08 -10.69
C GLY A 355 28.06 -18.40 -10.83
N THR A 356 27.07 -18.67 -9.98
CA THR A 356 26.30 -19.89 -10.10
C THR A 356 25.35 -19.80 -11.30
N TRP A 357 25.21 -20.91 -12.02
CA TRP A 357 24.41 -20.95 -13.23
C TRP A 357 23.61 -22.24 -13.27
N ASP A 358 22.55 -22.23 -14.08
CA ASP A 358 21.64 -23.36 -14.18
C ASP A 358 21.04 -23.39 -15.58
N VAL A 359 20.84 -24.60 -16.10
CA VAL A 359 20.17 -24.80 -17.38
C VAL A 359 19.24 -26.00 -17.24
N LYS A 360 18.05 -25.88 -17.83
CA LYS A 360 17.09 -26.96 -17.79
C LYS A 360 16.14 -26.85 -18.98
N GLY A 361 15.65 -28.00 -19.42
CA GLY A 361 14.66 -28.06 -20.48
C GLY A 361 13.53 -29.01 -20.11
N GLN A 362 12.30 -28.49 -20.05
CA GLN A 362 11.18 -29.28 -19.57
C GLN A 362 10.04 -29.23 -20.59
N TYR A 363 9.23 -30.29 -20.59
CA TYR A 363 8.16 -30.49 -21.54
C TYR A 363 6.83 -30.55 -20.80
N PHE A 364 5.84 -29.84 -21.32
CA PHE A 364 4.52 -29.77 -20.72
C PHE A 364 3.49 -30.42 -21.64
N ASN A 365 2.63 -31.25 -21.05
CA ASN A 365 1.54 -31.90 -21.80
C ASN A 365 0.29 -31.84 -20.91
N GLN A 366 -0.51 -30.79 -21.09
CA GLN A 366 -1.73 -30.60 -20.33
C GLN A 366 -2.92 -30.54 -21.28
N LYS A 367 -4.00 -31.20 -20.90
CA LYS A 367 -5.16 -31.35 -21.77
C LYS A 367 -6.13 -30.18 -21.58
N ALA A 368 -7.25 -30.24 -22.29
CA ALA A 368 -8.19 -29.12 -22.31
C ALA A 368 -8.82 -28.88 -20.94
N ASN A 369 -9.23 -29.95 -20.27
CA ASN A 369 -9.91 -29.84 -18.98
C ASN A 369 -8.96 -30.01 -17.80
N ALA A 370 -7.66 -30.04 -18.05
CA ALA A 370 -6.70 -30.21 -16.97
C ALA A 370 -6.72 -28.99 -16.05
N PRO A 371 -6.86 -29.18 -14.73
CA PRO A 371 -6.88 -28.03 -13.83
C PRO A 371 -5.51 -27.41 -13.66
N ILE A 372 -5.28 -26.27 -14.29
CA ILE A 372 -4.03 -25.52 -14.17
C ILE A 372 -4.43 -24.09 -13.81
N VAL A 373 -4.47 -23.80 -12.50
CA VAL A 373 -4.93 -22.49 -12.06
C VAL A 373 -3.79 -21.48 -12.11
N SER A 374 -2.74 -21.71 -11.32
CA SER A 374 -1.55 -20.87 -11.32
C SER A 374 -0.34 -21.78 -11.11
N SER A 375 0.23 -22.24 -12.22
CA SER A 375 1.32 -23.20 -12.16
C SER A 375 2.59 -22.56 -11.59
N THR A 376 3.44 -23.41 -11.01
CA THR A 376 4.71 -22.94 -10.48
C THR A 376 5.75 -22.69 -11.57
N TRP A 377 5.56 -23.26 -12.76
CA TRP A 377 6.48 -23.07 -13.86
C TRP A 377 6.08 -21.85 -14.68
N ASP A 378 6.86 -21.56 -15.72
CA ASP A 378 6.73 -20.31 -16.45
C ASP A 378 6.20 -20.50 -17.88
N GLN A 379 5.46 -21.57 -18.14
CA GLN A 379 4.82 -21.69 -19.44
C GLN A 379 3.73 -20.63 -19.57
N ALA A 380 3.58 -20.11 -20.78
CA ALA A 380 2.65 -19.02 -21.03
C ALA A 380 1.21 -19.47 -21.15
N TYR A 381 0.94 -20.77 -21.17
CA TYR A 381 -0.38 -21.31 -21.43
C TYR A 381 -0.87 -22.09 -20.22
N ASP A 382 -2.07 -21.75 -19.75
CA ASP A 382 -2.71 -22.45 -18.64
C ASP A 382 -4.21 -22.49 -18.95
N LEU A 383 -5.01 -22.79 -17.92
CA LEU A 383 -6.45 -22.91 -18.11
C LEU A 383 -7.08 -21.60 -18.57
N THR A 384 -6.50 -20.46 -18.15
CA THR A 384 -7.08 -19.16 -18.50
C THR A 384 -6.79 -18.74 -19.92
N ASN A 385 -5.77 -19.33 -20.57
CA ASN A 385 -5.37 -18.92 -21.90
C ASN A 385 -5.69 -19.91 -23.00
N THR A 386 -5.84 -21.19 -22.67
CA THR A 386 -6.02 -22.24 -23.66
C THR A 386 -7.42 -22.84 -23.57
N SER A 387 -7.99 -23.17 -24.74
CA SER A 387 -9.28 -23.83 -24.82
C SER A 387 -9.17 -25.30 -25.20
N ASN A 388 -8.02 -25.76 -25.70
CA ASN A 388 -7.84 -27.14 -26.10
C ASN A 388 -6.52 -27.70 -25.57
N GLY A 389 -6.05 -27.20 -24.43
CA GLY A 389 -4.84 -27.72 -23.83
C GLY A 389 -3.58 -27.10 -24.40
N TYR A 390 -2.47 -27.48 -23.79
CA TYR A 390 -1.15 -27.00 -24.20
C TYR A 390 -0.18 -28.18 -24.25
N LYS A 391 0.75 -28.11 -25.20
CA LYS A 391 1.71 -29.20 -25.40
C LYS A 391 2.93 -28.62 -26.10
N GLY A 392 4.07 -28.58 -25.40
CA GLY A 392 5.27 -28.04 -25.99
C GLY A 392 6.43 -28.12 -25.02
N TYR A 393 7.58 -27.66 -25.49
CA TYR A 393 8.82 -27.66 -24.73
C TYR A 393 9.16 -26.26 -24.24
N MET A 394 10.09 -26.19 -23.29
CA MET A 394 10.55 -24.91 -22.76
C MET A 394 11.96 -25.09 -22.20
N ALA A 395 12.88 -24.25 -22.67
CA ALA A 395 14.26 -24.25 -22.21
C ALA A 395 14.53 -22.94 -21.48
N SER A 396 15.06 -23.03 -20.26
CA SER A 396 15.34 -21.87 -19.44
C SER A 396 16.74 -21.96 -18.86
N VAL A 397 17.33 -20.80 -18.62
CA VAL A 397 18.67 -20.70 -18.04
C VAL A 397 18.64 -19.71 -16.89
N ASP A 398 19.56 -19.90 -15.94
CA ASP A 398 19.73 -19.01 -14.80
C ASP A 398 21.20 -18.69 -14.63
N TYR A 399 21.49 -17.48 -14.14
CA TYR A 399 22.86 -17.06 -13.88
C TYR A 399 22.84 -15.96 -12.83
N ALA A 400 23.68 -16.10 -11.81
CA ALA A 400 23.82 -15.09 -10.78
C ALA A 400 24.97 -14.17 -11.17
N VAL A 401 24.63 -13.03 -11.77
CA VAL A 401 25.66 -12.09 -12.23
C VAL A 401 26.39 -11.48 -11.04
N GLN A 402 25.67 -11.21 -9.95
CA GLN A 402 26.27 -10.66 -8.74
C GLN A 402 25.68 -11.40 -7.54
N ASP A 403 26.12 -11.01 -6.34
CA ASP A 403 25.53 -11.55 -5.14
C ASP A 403 24.12 -11.01 -4.95
N ASN A 404 23.17 -11.92 -4.74
CA ASN A 404 21.75 -11.59 -4.60
C ASN A 404 21.17 -10.91 -5.83
N VAL A 405 21.86 -11.02 -6.97
CA VAL A 405 21.36 -10.55 -8.26
C VAL A 405 21.44 -11.71 -9.24
N GLY A 406 20.32 -12.03 -9.87
CA GLY A 406 20.27 -13.14 -10.79
C GLY A 406 19.62 -12.83 -12.12
N LEU A 407 20.21 -13.31 -13.20
CA LEU A 407 19.67 -13.11 -14.55
C LEU A 407 19.04 -14.42 -15.00
N SER A 408 17.75 -14.37 -15.35
CA SER A 408 16.99 -15.54 -15.76
C SER A 408 16.41 -15.32 -17.15
N ALA A 409 16.50 -16.34 -17.99
CA ALA A 409 15.94 -16.30 -19.33
C ALA A 409 15.20 -17.61 -19.60
N GLY A 410 14.21 -17.53 -20.48
CA GLY A 410 13.42 -18.70 -20.84
C GLY A 410 12.96 -18.60 -22.27
N TYR A 411 12.66 -19.75 -22.86
CA TYR A 411 12.22 -19.81 -24.25
C TYR A 411 11.34 -21.04 -24.44
N GLY A 412 10.05 -20.82 -24.65
CA GLY A 412 9.12 -21.90 -24.94
C GLY A 412 8.91 -22.01 -26.44
N PHE A 413 9.12 -23.23 -26.96
CA PHE A 413 9.06 -23.49 -28.38
C PHE A 413 8.24 -24.75 -28.62
N ASN A 414 7.90 -24.97 -29.89
CA ASN A 414 7.11 -26.13 -30.31
C ASN A 414 5.79 -26.22 -29.54
N SER A 415 5.18 -25.06 -29.28
CA SER A 415 3.91 -25.02 -28.57
C SER A 415 2.78 -25.43 -29.50
N LYS A 416 1.97 -26.39 -29.06
CA LYS A 416 0.86 -26.88 -29.85
C LYS A 416 -0.32 -27.19 -28.93
N ASP A 417 -1.50 -27.26 -29.53
CA ASP A 417 -2.69 -27.71 -28.81
C ASP A 417 -2.70 -29.24 -28.74
N GLN A 418 -3.67 -29.76 -28.00
CA GLN A 418 -3.83 -31.22 -27.94
C GLN A 418 -4.33 -31.80 -29.26
N SER A 419 -4.86 -30.97 -30.14
CA SER A 419 -5.30 -31.40 -31.47
C SER A 419 -4.23 -31.18 -32.54
N GLY A 420 -3.04 -30.71 -32.16
CA GLY A 420 -1.98 -30.47 -33.11
C GLY A 420 -1.90 -29.07 -33.67
N ASN A 421 -2.86 -28.20 -33.34
CA ASN A 421 -2.83 -26.83 -33.84
C ASN A 421 -1.69 -26.07 -33.19
N ASP A 422 -0.92 -25.35 -34.01
CA ASP A 422 0.25 -24.63 -33.52
C ASP A 422 -0.15 -23.45 -32.64
N LEU A 423 0.60 -23.26 -31.56
CA LEU A 423 0.47 -22.11 -30.69
C LEU A 423 1.65 -21.18 -30.91
N SER A 424 1.73 -20.12 -30.11
CA SER A 424 2.75 -19.09 -30.26
C SER A 424 3.93 -19.39 -29.34
N ASP A 425 5.13 -19.35 -29.89
CA ASP A 425 6.34 -19.49 -29.09
C ASP A 425 6.51 -18.25 -28.21
N PHE A 426 6.97 -18.48 -26.98
CA PHE A 426 7.14 -17.42 -26.00
C PHE A 426 8.55 -17.45 -25.45
N TYR A 427 9.00 -16.30 -24.95
CA TYR A 427 10.35 -16.15 -24.43
C TYR A 427 10.34 -15.13 -23.29
N ARG A 428 11.26 -15.32 -22.34
CA ARG A 428 11.27 -14.57 -21.10
C ARG A 428 12.67 -14.08 -20.81
N ALA A 429 12.76 -12.98 -20.05
CA ALA A 429 14.04 -12.46 -19.58
C ALA A 429 13.76 -11.52 -18.42
N GLU A 430 14.23 -11.87 -17.23
CA GLU A 430 14.01 -11.05 -16.05
C GLU A 430 15.29 -10.93 -15.22
N LEU A 431 15.39 -9.84 -14.48
CA LEU A 431 16.46 -9.60 -13.53
C LEU A 431 15.88 -9.61 -12.12
N ASN A 432 16.43 -10.45 -11.25
CA ASN A 432 15.94 -10.60 -9.90
C ASN A 432 16.96 -10.07 -8.90
N TYR A 433 16.52 -9.18 -8.03
CA TYR A 433 17.33 -8.61 -6.96
C TYR A 433 16.75 -9.04 -5.63
N LYS A 434 17.61 -9.54 -4.75
CA LYS A 434 17.18 -10.06 -3.46
C LYS A 434 17.78 -9.22 -2.33
N PHE A 435 16.94 -8.80 -1.39
CA PHE A 435 17.38 -8.06 -0.23
C PHE A 435 16.46 -8.29 0.96
N ARG B 128 22.69 0.36 10.07
CA ARG B 128 21.50 0.05 9.29
C ARG B 128 20.24 0.49 10.02
N VAL B 129 20.35 0.70 11.32
CA VAL B 129 19.22 1.16 12.12
C VAL B 129 19.07 2.67 11.96
N GLY B 130 17.83 3.15 11.93
CA GLY B 130 17.53 4.55 11.78
C GLY B 130 16.65 5.04 12.91
N ASN B 131 15.80 6.01 12.57
CA ASN B 131 14.86 6.58 13.53
C ASN B 131 13.49 5.92 13.51
N VAL B 132 13.29 4.94 12.64
CA VAL B 132 11.98 4.31 12.43
C VAL B 132 11.99 2.94 13.08
N LYS B 133 10.98 2.67 13.91
CA LYS B 133 10.76 1.37 14.50
C LYS B 133 9.48 0.76 13.94
N VAL B 134 9.57 -0.48 13.49
CA VAL B 134 8.48 -1.16 12.80
C VAL B 134 7.76 -2.07 13.79
N THR B 135 6.46 -1.83 13.95
CA THR B 135 5.58 -2.70 14.73
C THR B 135 4.39 -3.08 13.86
N GLY B 136 3.42 -3.76 14.46
CA GLY B 136 2.22 -4.12 13.73
C GLY B 136 1.42 -5.15 14.49
N ASP B 137 0.37 -5.64 13.81
CA ASP B 137 -0.50 -6.65 14.37
C ASP B 137 -1.21 -7.39 13.25
N ALA B 138 -1.71 -8.57 13.56
CA ALA B 138 -2.48 -9.39 12.62
C ALA B 138 -3.71 -9.91 13.34
N ARG B 139 -4.82 -10.03 12.61
CA ARG B 139 -6.09 -10.45 13.18
C ARG B 139 -6.79 -11.41 12.23
N ILE B 140 -7.37 -12.48 12.77
CA ILE B 140 -8.23 -13.39 12.04
C ILE B 140 -9.57 -13.38 12.77
N ARG B 141 -10.57 -12.71 12.19
CA ARG B 141 -11.83 -12.45 12.87
C ARG B 141 -12.97 -13.21 12.20
N TYR B 142 -13.90 -13.66 13.01
CA TYR B 142 -15.14 -14.28 12.54
C TYR B 142 -16.32 -13.54 13.15
N GLN B 143 -17.31 -13.23 12.32
CA GLN B 143 -18.52 -12.54 12.74
C GLN B 143 -19.74 -13.24 12.19
N GLY B 144 -20.78 -13.33 13.00
CA GLY B 144 -22.00 -14.02 12.58
C GLY B 144 -23.21 -13.43 13.26
N SER B 145 -24.38 -13.79 12.74
CA SER B 145 -25.64 -13.33 13.29
C SER B 145 -26.74 -14.31 12.88
N GLU B 146 -27.88 -14.19 13.55
CA GLU B 146 -29.03 -15.02 13.22
C GLU B 146 -29.81 -14.52 12.02
N ASP B 147 -29.53 -13.30 11.55
CA ASP B 147 -30.18 -12.73 10.39
C ASP B 147 -29.13 -12.26 9.39
N LYS B 148 -29.51 -12.24 8.13
CA LYS B 148 -28.59 -11.86 7.05
C LYS B 148 -28.50 -10.35 6.92
N GLY B 149 -27.31 -9.86 6.61
CA GLY B 149 -27.09 -8.45 6.34
C GLY B 149 -26.44 -7.67 7.47
N VAL B 150 -26.32 -8.26 8.66
CA VAL B 150 -25.76 -7.53 9.79
C VAL B 150 -24.28 -7.21 9.54
N TYR B 151 -23.52 -8.19 9.06
CA TYR B 151 -22.10 -8.03 8.80
C TYR B 151 -21.76 -8.10 7.32
N LYS B 152 -22.31 -9.07 6.60
CA LYS B 152 -22.13 -9.20 5.17
C LYS B 152 -23.48 -9.19 4.47
N ALA B 153 -23.53 -8.54 3.32
CA ALA B 153 -24.79 -8.43 2.59
C ALA B 153 -25.25 -9.79 2.10
N ASN B 154 -26.54 -10.06 2.28
CA ASN B 154 -27.20 -11.29 1.82
C ASN B 154 -26.60 -12.55 2.45
N SER B 155 -26.01 -12.42 3.64
CA SER B 155 -25.48 -13.58 4.36
C SER B 155 -25.41 -13.22 5.84
N LYS B 156 -25.34 -14.27 6.66
CA LYS B 156 -25.33 -14.11 8.12
C LYS B 156 -23.99 -14.51 8.73
N SER B 157 -22.90 -14.37 7.97
CA SER B 157 -21.57 -14.70 8.47
C SER B 157 -20.54 -13.87 7.71
N LEU B 158 -19.36 -13.73 8.32
CA LEU B 158 -18.27 -12.99 7.69
C LEU B 158 -16.96 -13.39 8.35
N THR B 159 -16.08 -14.02 7.58
CA THR B 159 -14.74 -14.36 8.03
C THR B 159 -13.74 -13.53 7.24
N ASP B 160 -12.90 -12.78 7.95
CA ASP B 160 -11.97 -11.86 7.32
C ASP B 160 -10.70 -11.78 8.16
N GLY B 161 -9.64 -11.28 7.53
CA GLY B 161 -8.37 -11.10 8.21
C GLY B 161 -7.86 -9.69 7.99
N ARG B 162 -7.06 -9.21 8.95
CA ARG B 162 -6.49 -7.88 8.91
C ARG B 162 -5.01 -7.95 9.22
N ALA B 163 -4.21 -7.20 8.47
CA ALA B 163 -2.78 -7.08 8.71
C ALA B 163 -2.41 -5.60 8.69
N ARG B 164 -1.78 -5.13 9.77
CA ARG B 164 -1.36 -3.74 9.91
C ARG B 164 0.12 -3.69 10.23
N VAL B 165 0.83 -2.77 9.58
CA VAL B 165 2.24 -2.52 9.85
C VAL B 165 2.39 -1.03 10.17
N GLN B 166 2.93 -0.74 11.35
CA GLN B 166 3.06 0.63 11.82
C GLN B 166 4.53 1.00 11.91
N PHE B 167 4.85 2.21 11.44
CA PHE B 167 6.21 2.74 11.47
C PHE B 167 6.26 3.91 12.43
N ASN B 168 6.92 3.72 13.57
CA ASN B 168 7.08 4.74 14.60
C ASN B 168 8.44 5.38 14.40
N ALA B 169 8.45 6.67 14.11
CA ALA B 169 9.67 7.39 13.77
C ALA B 169 9.91 8.51 14.77
N ASN B 170 11.17 8.68 15.17
CA ASN B 170 11.58 9.76 16.06
C ASN B 170 12.21 10.85 15.21
N VAL B 171 11.44 11.91 14.93
CA VAL B 171 11.96 13.02 14.16
C VAL B 171 13.08 13.73 14.92
N ASN B 172 12.86 13.97 16.20
CA ASN B 172 13.87 14.54 17.08
C ASN B 172 13.51 14.17 18.52
N ASP B 173 14.14 14.82 19.49
CA ASP B 173 13.94 14.48 20.89
C ASP B 173 12.51 14.73 21.35
N LYS B 174 11.83 15.70 20.75
CA LYS B 174 10.48 16.07 21.17
C LYS B 174 9.43 15.93 20.08
N THR B 175 9.77 15.39 18.92
CA THR B 175 8.82 15.19 17.83
C THR B 175 8.91 13.77 17.33
N GLN B 176 7.75 13.16 17.09
CA GLN B 176 7.68 11.81 16.56
C GLN B 176 6.53 11.73 15.55
N ALA B 177 6.71 10.87 14.56
CA ALA B 177 5.74 10.69 13.49
C ALA B 177 5.38 9.22 13.37
N VAL B 178 4.09 8.94 13.19
CA VAL B 178 3.56 7.58 13.12
C VAL B 178 2.86 7.40 11.78
N VAL B 179 3.24 6.38 11.03
CA VAL B 179 2.60 6.01 9.78
C VAL B 179 2.24 4.53 9.86
N ARG B 180 0.98 4.20 9.61
CA ARG B 180 0.49 2.83 9.68
C ARG B 180 -0.11 2.44 8.34
N VAL B 181 0.29 1.27 7.84
CA VAL B 181 -0.25 0.70 6.61
C VAL B 181 -1.15 -0.46 6.99
N LYS B 182 -2.38 -0.46 6.47
CA LYS B 182 -3.40 -1.40 6.87
C LYS B 182 -3.98 -2.10 5.65
N GLY B 183 -4.23 -3.40 5.78
CA GLY B 183 -4.83 -4.17 4.71
C GLY B 183 -5.86 -5.17 5.18
N ASN B 184 -7.08 -5.09 4.64
CA ASN B 184 -8.16 -6.00 4.98
C ASN B 184 -8.42 -6.94 3.80
N TYR B 185 -8.65 -8.21 4.12
CA TYR B 185 -9.04 -9.19 3.12
C TYR B 185 -10.10 -10.11 3.70
N GLU B 186 -10.91 -10.68 2.82
CA GLU B 186 -11.92 -11.67 3.19
C GLU B 186 -11.46 -13.05 2.71
N PHE B 187 -11.65 -14.05 3.58
CA PHE B 187 -11.23 -15.41 3.25
C PHE B 187 -12.06 -15.93 2.08
N GLY B 188 -11.43 -16.06 0.92
CA GLY B 188 -12.07 -16.57 -0.28
C GLY B 188 -12.51 -15.52 -1.28
N ASP B 189 -12.44 -14.24 -0.93
CA ASP B 189 -12.85 -13.16 -1.83
C ASP B 189 -11.64 -12.78 -2.68
N SER B 190 -11.66 -13.20 -3.94
CA SER B 190 -10.58 -12.91 -4.87
C SER B 190 -10.98 -11.94 -5.97
N THR B 191 -12.10 -11.24 -5.81
CA THR B 191 -12.51 -10.25 -6.80
C THR B 191 -11.49 -9.13 -6.93
N LYS B 192 -10.98 -8.66 -5.79
CA LYS B 192 -9.97 -7.61 -5.77
C LYS B 192 -8.87 -7.98 -4.80
N GLY B 193 -7.69 -7.43 -5.02
CA GLY B 193 -6.58 -7.64 -4.11
C GLY B 193 -6.77 -6.91 -2.81
N SER B 194 -5.90 -7.22 -1.85
CA SER B 194 -5.94 -6.58 -0.53
C SER B 194 -5.15 -5.27 -0.62
N GLN B 195 -5.82 -4.24 -1.14
CA GLN B 195 -5.18 -2.93 -1.29
C GLN B 195 -4.74 -2.40 0.06
N ALA B 196 -3.51 -1.88 0.11
CA ALA B 196 -2.95 -1.32 1.33
C ALA B 196 -3.31 0.16 1.43
N THR B 197 -3.87 0.55 2.56
CA THR B 197 -4.28 1.92 2.80
C THR B 197 -3.55 2.47 4.03
N ILE B 198 -3.24 3.76 3.98
CA ILE B 198 -2.54 4.44 5.07
C ILE B 198 -3.58 4.75 6.14
N ASP B 199 -3.69 3.88 7.14
CA ASP B 199 -4.68 4.06 8.19
C ASP B 199 -4.36 5.28 9.05
N ARG B 200 -3.09 5.46 9.41
CA ARG B 200 -2.66 6.54 10.28
C ARG B 200 -1.47 7.27 9.67
N ALA B 201 -1.50 8.60 9.73
CA ALA B 201 -0.38 9.42 9.28
C ALA B 201 -0.47 10.75 10.04
N TYR B 202 0.34 10.90 11.08
CA TYR B 202 0.26 12.07 11.94
C TYR B 202 1.61 12.29 12.61
N VAL B 203 1.77 13.48 13.18
CA VAL B 203 2.98 13.88 13.89
C VAL B 203 2.59 14.32 15.29
N ASP B 204 3.36 13.86 16.28
CA ASP B 204 3.10 14.15 17.69
C ASP B 204 4.21 15.04 18.22
N HIS B 205 3.82 16.18 18.79
CA HIS B 205 4.75 17.14 19.36
C HIS B 205 4.58 17.18 20.87
N LYS B 206 5.71 17.26 21.59
CA LYS B 206 5.72 17.37 23.04
C LYS B 206 6.22 18.77 23.40
N PHE B 207 5.29 19.68 23.61
CA PHE B 207 5.63 21.07 23.94
C PHE B 207 5.81 21.22 25.45
N GLY B 208 6.81 20.52 25.97
CA GLY B 208 7.10 20.53 27.39
C GLY B 208 6.79 19.20 28.05
N SER B 209 6.32 19.24 29.29
CA SER B 209 5.94 18.04 30.02
C SER B 209 4.44 17.90 30.24
N ASN B 210 3.66 18.95 29.96
CA ASN B 210 2.23 18.92 30.16
C ASN B 210 1.42 19.18 28.90
N VAL B 211 2.03 19.69 27.84
CA VAL B 211 1.33 20.05 26.61
C VAL B 211 1.80 19.16 25.48
N SER B 212 0.85 18.57 24.75
CA SER B 212 1.14 17.75 23.59
C SER B 212 0.20 18.14 22.46
N ALA B 213 0.63 17.88 21.23
CA ALA B 213 -0.16 18.26 20.06
C ALA B 213 -0.03 17.19 18.99
N LYS B 214 -1.13 16.95 18.28
CA LYS B 214 -1.17 16.04 17.14
C LYS B 214 -1.75 16.76 15.93
N ALA B 215 -1.33 16.32 14.74
CA ALA B 215 -1.82 16.88 13.49
C ALA B 215 -1.68 15.85 12.39
N GLY B 216 -2.71 15.74 11.54
CA GLY B 216 -2.72 14.78 10.46
C GLY B 216 -3.87 13.81 10.59
N ARG B 217 -3.60 12.54 10.27
CA ARG B 217 -4.60 11.48 10.31
C ARG B 217 -4.28 10.57 11.50
N PHE B 218 -5.04 10.71 12.57
CA PHE B 218 -4.81 9.94 13.80
C PHE B 218 -6.11 9.34 14.30
N GLN B 219 -6.07 8.78 15.51
CA GLN B 219 -7.24 8.19 16.15
C GLN B 219 -7.78 9.15 17.22
N GLN B 220 -9.06 9.47 17.14
CA GLN B 220 -9.71 10.35 18.10
C GLN B 220 -10.81 9.59 18.83
N THR B 221 -10.80 9.71 20.15
CA THR B 221 -11.83 9.12 21.01
C THR B 221 -12.70 10.24 21.54
N ILE B 222 -13.94 10.33 21.06
CA ILE B 222 -14.86 11.37 21.49
C ILE B 222 -15.56 10.89 22.75
N GLY B 223 -15.13 11.40 23.90
CA GLY B 223 -15.66 10.98 25.18
C GLY B 223 -15.06 9.66 25.64
N GLY B 224 -15.91 8.73 26.05
CA GLY B 224 -15.45 7.41 26.40
C GLY B 224 -15.33 6.43 25.26
N GLY B 225 -15.63 6.88 24.04
CA GLY B 225 -15.56 6.04 22.86
C GLY B 225 -16.89 5.53 22.37
N LEU B 226 -17.98 5.72 23.11
CA LEU B 226 -19.28 5.27 22.67
C LEU B 226 -19.71 6.00 21.39
N MET B 227 -19.53 7.32 21.35
CA MET B 227 -19.92 8.07 20.17
C MET B 227 -19.00 7.80 18.99
N TYR B 228 -17.68 7.85 19.22
CA TYR B 228 -16.73 7.72 18.13
C TYR B 228 -15.34 7.42 18.69
N ASP B 229 -14.69 6.40 18.14
CA ASP B 229 -13.28 6.12 18.41
C ASP B 229 -12.71 5.46 17.15
N ASP B 230 -12.15 6.28 16.28
CA ASP B 230 -11.72 5.82 14.96
C ASP B 230 -10.84 6.91 14.33
N THR B 231 -10.57 6.76 13.04
CA THR B 231 -9.70 7.67 12.31
C THR B 231 -10.25 9.11 12.35
N PHE B 232 -9.33 10.07 12.38
CA PHE B 232 -9.68 11.48 12.53
C PHE B 232 -8.65 12.32 11.80
N ASP B 233 -9.12 13.19 10.91
CA ASP B 233 -8.25 14.16 10.23
C ASP B 233 -8.43 15.52 10.89
N GLY B 234 -7.33 16.13 11.29
CA GLY B 234 -7.37 17.43 11.91
C GLY B 234 -6.21 17.60 12.87
N ALA B 235 -6.44 18.39 13.93
CA ALA B 235 -5.43 18.66 14.94
C ALA B 235 -5.99 18.33 16.31
N GLN B 236 -5.08 17.94 17.21
CA GLN B 236 -5.44 17.58 18.58
C GLN B 236 -4.48 18.25 19.55
N LEU B 237 -5.01 18.79 20.63
CA LEU B 237 -4.22 19.45 21.66
C LEU B 237 -4.47 18.79 23.00
N ASN B 238 -3.41 18.55 23.75
CA ASN B 238 -3.48 17.85 25.03
C ASN B 238 -2.83 18.70 26.11
N VAL B 239 -3.51 18.88 27.24
CA VAL B 239 -2.98 19.58 28.40
C VAL B 239 -3.27 18.69 29.61
N GLY B 240 -2.24 18.04 30.14
CA GLY B 240 -2.40 17.09 31.21
C GLY B 240 -1.70 17.53 32.49
N ASN B 241 -2.07 16.88 33.60
CA ASN B 241 -1.50 17.16 34.90
C ASN B 241 -1.25 15.88 35.70
N ASP B 242 -1.35 14.73 35.04
CA ASP B 242 -1.20 13.39 35.61
C ASP B 242 -2.34 13.02 36.54
N LYS B 243 -3.27 13.93 36.82
CA LYS B 243 -4.45 13.61 37.61
C LYS B 243 -5.69 14.17 36.91
N VAL B 244 -5.50 15.22 36.12
CA VAL B 244 -6.57 15.80 35.30
C VAL B 244 -5.99 16.06 33.91
N GLN B 245 -6.79 15.77 32.89
CA GLN B 245 -6.35 15.92 31.50
C GLN B 245 -7.40 16.66 30.70
N VAL B 246 -6.94 17.57 29.85
CA VAL B 246 -7.82 18.31 28.94
C VAL B 246 -7.36 18.03 27.52
N GLN B 247 -8.30 17.63 26.66
CA GLN B 247 -8.00 17.32 25.27
C GLN B 247 -8.95 18.11 24.37
N GLY B 248 -8.38 18.78 23.38
CA GLY B 248 -9.18 19.51 22.41
C GLY B 248 -8.84 19.12 20.99
N ALA B 249 -9.85 18.73 20.21
CA ALA B 249 -9.65 18.28 18.85
C ALA B 249 -10.54 19.08 17.89
N TYR B 250 -10.01 19.33 16.70
CA TYR B 250 -10.73 20.01 15.64
C TYR B 250 -10.44 19.30 14.32
N GLY B 251 -11.49 18.83 13.65
CA GLY B 251 -11.30 18.14 12.39
C GLY B 251 -12.50 17.36 11.92
N TYR B 252 -12.25 16.26 11.20
CA TYR B 252 -13.31 15.50 10.54
C TYR B 252 -13.17 14.02 10.90
N MET B 253 -14.31 13.35 11.01
CA MET B 253 -14.35 11.91 11.18
C MET B 253 -14.32 11.21 9.82
N ILE B 254 -13.65 10.07 9.77
CA ILE B 254 -13.37 9.37 8.52
C ILE B 254 -14.20 8.10 8.39
N ASP B 255 -14.27 7.29 9.45
CA ASP B 255 -14.98 6.02 9.41
C ASP B 255 -16.33 6.12 10.10
N GLY B 256 -17.14 5.09 9.90
CA GLY B 256 -18.47 5.03 10.47
C GLY B 256 -19.52 5.68 9.61
N ALA B 257 -20.42 6.44 10.22
CA ALA B 257 -21.42 7.18 9.46
C ALA B 257 -20.80 8.33 8.66
N ALA B 258 -19.57 8.72 8.98
CA ALA B 258 -18.87 9.77 8.26
C ALA B 258 -18.10 9.24 7.05
N ASP B 259 -18.17 7.94 6.80
CA ASP B 259 -17.48 7.37 5.64
C ASP B 259 -18.24 7.69 4.36
N GLY B 260 -17.49 7.91 3.28
CA GLY B 260 -18.09 8.23 2.01
C GLY B 260 -18.47 9.68 1.82
N ASN B 261 -17.99 10.57 2.69
CA ASN B 261 -18.30 11.99 2.61
C ASN B 261 -17.10 12.75 2.09
N SER B 262 -17.34 13.67 1.16
CA SER B 262 -16.29 14.56 0.69
C SER B 262 -15.99 15.61 1.76
N LYS B 263 -15.00 16.47 1.47
CA LYS B 263 -14.61 17.48 2.44
C LYS B 263 -15.74 18.45 2.72
N SER B 264 -16.49 18.85 1.69
CA SER B 264 -17.59 19.78 1.88
C SER B 264 -18.75 19.13 2.62
N ASP B 265 -18.99 17.85 2.37
CA ASP B 265 -20.12 17.14 2.97
C ASP B 265 -19.80 16.51 4.32
N ASN B 266 -18.53 16.50 4.73
CA ASN B 266 -18.14 15.91 6.00
C ASN B 266 -18.29 16.94 7.11
N PRO B 267 -19.15 16.72 8.11
CA PRO B 267 -19.26 17.67 9.22
C PRO B 267 -17.95 17.76 10.00
N SER B 268 -17.64 18.97 10.45
CA SER B 268 -16.45 19.20 11.26
C SER B 268 -16.80 19.07 12.73
N VAL B 269 -15.84 18.54 13.50
CA VAL B 269 -16.04 18.27 14.92
C VAL B 269 -15.14 19.22 15.71
N SER B 270 -15.76 20.00 16.60
CA SER B 270 -15.04 20.85 17.55
C SER B 270 -15.27 20.25 18.93
N TYR B 271 -14.32 19.45 19.39
CA TYR B 271 -14.48 18.62 20.57
C TYR B 271 -13.54 19.07 21.67
N VAL B 272 -14.06 19.15 22.90
CA VAL B 272 -13.27 19.41 24.09
C VAL B 272 -13.64 18.36 25.14
N GLY B 273 -12.63 17.82 25.81
CA GLY B 273 -12.86 16.76 26.77
C GLY B 273 -12.09 16.91 28.06
N LEU B 274 -12.71 16.55 29.18
CA LEU B 274 -12.10 16.58 30.49
C LEU B 274 -12.04 15.16 31.05
N LYS B 275 -10.91 14.81 31.64
CA LYS B 275 -10.70 13.49 32.23
C LYS B 275 -9.94 13.64 33.53
N GLY B 276 -10.57 13.32 34.65
CA GLY B 276 -9.97 13.40 35.96
C GLY B 276 -9.83 12.02 36.58
N LYS B 277 -8.79 11.84 37.39
CA LYS B 277 -8.54 10.57 38.06
C LYS B 277 -9.15 10.62 39.45
N VAL B 278 -10.26 9.90 39.63
CA VAL B 278 -10.94 9.90 40.92
C VAL B 278 -10.25 8.99 41.93
N GLY B 279 -9.54 7.97 41.47
CA GLY B 279 -8.84 7.07 42.37
C GLY B 279 -7.43 6.77 41.92
N LYS B 280 -6.85 5.67 42.43
CA LYS B 280 -5.51 5.29 42.01
C LYS B 280 -5.47 4.96 40.52
N GLU B 281 -6.47 4.22 40.04
CA GLU B 281 -6.59 3.93 38.61
C GLU B 281 -7.99 4.14 38.05
N SER B 282 -8.99 4.40 38.88
CA SER B 282 -10.31 4.77 38.38
C SER B 282 -10.30 6.21 37.88
N SER B 283 -11.22 6.51 36.98
CA SER B 283 -11.29 7.85 36.39
C SER B 283 -12.71 8.17 35.97
N VAL B 284 -13.06 9.45 36.04
CA VAL B 284 -14.32 9.96 35.54
C VAL B 284 -14.02 11.15 34.63
N GLY B 285 -14.99 11.51 33.81
CA GLY B 285 -14.79 12.62 32.89
C GLY B 285 -16.06 12.98 32.15
N GLY B 286 -15.92 13.93 31.24
CA GLY B 286 -17.02 14.38 30.41
C GLY B 286 -16.47 15.05 29.17
N PHE B 287 -17.38 15.44 28.28
CA PHE B 287 -16.96 16.06 27.04
C PHE B 287 -18.09 16.91 26.47
N TYR B 288 -17.73 17.85 25.59
CA TYR B 288 -18.69 18.64 24.85
C TYR B 288 -18.19 18.74 23.42
N SER B 289 -19.04 18.37 22.46
CA SER B 289 -18.68 18.34 21.06
C SER B 289 -19.67 19.17 20.26
N ARG B 290 -19.18 19.75 19.16
CA ARG B 290 -19.99 20.55 18.25
C ARG B 290 -19.78 20.05 16.84
N LEU B 291 -20.84 19.53 16.24
CA LEU B 291 -20.81 19.01 14.88
C LEU B 291 -21.52 19.99 13.96
N SER B 292 -20.88 20.37 12.85
CA SER B 292 -21.48 21.27 11.90
C SER B 292 -22.42 20.51 10.97
N SER B 293 -23.02 21.23 10.02
CA SER B 293 -23.90 20.59 9.05
C SER B 293 -23.09 19.67 8.13
N GLY B 294 -23.63 18.50 7.86
CA GLY B 294 -22.95 17.55 7.00
C GLY B 294 -23.80 16.32 6.79
N ASN B 295 -23.29 15.43 5.94
CA ASN B 295 -23.99 14.21 5.59
C ASN B 295 -23.49 13.04 6.43
N LEU B 296 -24.42 12.29 7.01
CA LEU B 296 -24.09 11.10 7.78
C LEU B 296 -24.94 9.93 7.28
N ASN B 297 -24.40 8.72 7.44
CA ASN B 297 -25.05 7.51 6.95
C ASN B 297 -26.08 7.08 8.00
N HIS B 298 -27.35 7.25 7.67
CA HIS B 298 -28.45 6.86 8.55
C HIS B 298 -29.19 5.68 7.92
N ASN B 299 -28.96 4.49 8.47
CA ASN B 299 -29.59 3.25 7.98
C ASN B 299 -29.31 3.05 6.49
N GLY B 300 -28.07 3.31 6.08
CA GLY B 300 -27.67 3.14 4.70
C GLY B 300 -28.04 4.28 3.78
N VAL B 301 -28.64 5.34 4.29
CA VAL B 301 -29.03 6.50 3.50
C VAL B 301 -28.32 7.72 4.07
N THR B 302 -27.60 8.43 3.21
CA THR B 302 -26.88 9.64 3.62
C THR B 302 -27.85 10.81 3.65
N VAL B 303 -28.09 11.36 4.85
CA VAL B 303 -29.00 12.48 5.01
C VAL B 303 -28.22 13.66 5.58
N ASN B 304 -28.63 14.86 5.19
CA ASN B 304 -28.01 16.09 5.66
C ASN B 304 -28.66 16.51 6.98
N SER B 305 -27.83 16.80 7.97
CA SER B 305 -28.31 17.17 9.30
C SER B 305 -27.77 18.53 9.68
N ASP B 306 -28.48 19.20 10.58
CA ASP B 306 -28.10 20.54 11.02
C ASP B 306 -26.99 20.44 12.07
N LYS B 307 -26.70 21.56 12.73
CA LYS B 307 -25.68 21.57 13.77
C LYS B 307 -26.10 20.71 14.95
N GLN B 308 -25.14 20.01 15.54
CA GLN B 308 -25.36 19.16 16.70
C GLN B 308 -24.40 19.55 17.80
N ASP B 309 -24.91 19.73 19.00
CA ASP B 309 -24.10 20.00 20.19
C ASP B 309 -24.21 18.78 21.09
N VAL B 310 -23.20 17.91 21.01
CA VAL B 310 -23.20 16.64 21.73
C VAL B 310 -22.35 16.79 22.99
N TYR B 311 -22.95 16.49 24.13
CA TYR B 311 -22.26 16.50 25.41
C TYR B 311 -22.50 15.17 26.11
N GLY B 312 -21.59 14.79 27.00
CA GLY B 312 -21.74 13.51 27.68
C GLY B 312 -20.80 13.39 28.85
N PHE B 313 -21.03 12.34 29.63
CA PHE B 313 -20.22 12.04 30.80
C PHE B 313 -19.92 10.55 30.81
N ASN B 314 -18.81 10.19 31.47
CA ASN B 314 -18.42 8.79 31.55
C ASN B 314 -17.75 8.53 32.89
N ALA B 315 -17.73 7.26 33.29
CA ALA B 315 -17.07 6.82 34.51
C ALA B 315 -16.39 5.50 34.24
N ASP B 316 -15.21 5.31 34.84
CA ASP B 316 -14.43 4.09 34.63
C ASP B 316 -13.77 3.73 35.95
N PHE B 317 -14.40 2.81 36.69
CA PHE B 317 -13.90 2.36 37.98
C PHE B 317 -13.22 1.01 37.83
N ARG B 318 -12.05 0.87 38.44
CA ARG B 318 -11.23 -0.33 38.32
C ARG B 318 -10.60 -0.61 39.68
N LYS B 319 -11.18 -1.55 40.43
CA LYS B 319 -10.68 -1.93 41.74
C LYS B 319 -10.20 -3.38 41.67
N ASN B 320 -8.92 -3.59 41.99
CA ASN B 320 -8.29 -4.90 41.88
C ASN B 320 -8.47 -5.45 40.47
N LYS B 321 -9.26 -6.51 40.34
CA LYS B 321 -9.60 -7.05 39.03
C LYS B 321 -11.00 -6.67 38.57
N LEU B 322 -11.84 -6.18 39.48
CA LEU B 322 -13.20 -5.78 39.11
C LEU B 322 -13.18 -4.49 38.31
N TRP B 323 -14.06 -4.41 37.31
CA TRP B 323 -14.19 -3.21 36.49
C TRP B 323 -15.67 -2.88 36.37
N ALA B 324 -15.99 -1.59 36.54
CA ALA B 324 -17.36 -1.09 36.44
C ALA B 324 -17.32 0.25 35.73
N GLY B 325 -17.73 0.27 34.47
CA GLY B 325 -17.69 1.48 33.66
C GLY B 325 -19.05 1.81 33.08
N GLY B 326 -19.20 3.05 32.62
CA GLY B 326 -20.43 3.49 32.00
C GLY B 326 -20.22 4.82 31.32
N GLU B 327 -21.10 5.12 30.37
CA GLU B 327 -21.04 6.37 29.63
C GLU B 327 -22.44 6.80 29.23
N TRP B 328 -22.68 8.10 29.23
CA TRP B 328 -23.95 8.67 28.83
C TRP B 328 -23.68 9.88 27.95
N LEU B 329 -24.39 9.95 26.82
CA LEU B 329 -24.22 11.08 25.90
C LEU B 329 -25.59 11.45 25.34
N LYS B 330 -25.70 12.71 24.91
CA LYS B 330 -26.94 13.23 24.37
C LYS B 330 -26.66 14.47 23.54
N ALA B 331 -27.40 14.63 22.45
CA ALA B 331 -27.38 15.86 21.66
C ALA B 331 -28.50 16.76 22.15
N SER B 332 -28.16 17.97 22.58
CA SER B 332 -29.14 18.84 23.22
C SER B 332 -30.25 19.25 22.26
N ASN B 333 -29.90 19.59 21.02
CA ASN B 333 -30.88 20.13 20.09
C ASN B 333 -31.67 19.04 19.37
N VAL B 334 -31.15 17.81 19.32
CA VAL B 334 -31.86 16.71 18.65
C VAL B 334 -32.59 15.88 19.68
N ASP B 335 -33.88 15.65 19.42
CA ASP B 335 -34.68 14.80 20.30
C ASP B 335 -34.43 13.33 19.99
N ASN B 336 -34.63 12.49 21.01
CA ASN B 336 -34.35 11.05 20.93
C ASN B 336 -32.91 10.79 20.50
N SER B 337 -31.99 11.59 21.04
CA SER B 337 -30.57 11.46 20.73
C SER B 337 -29.78 10.89 21.91
N GLN B 338 -30.45 10.48 22.97
CA GLN B 338 -29.76 9.96 24.15
C GLN B 338 -29.21 8.57 23.88
N ALA B 339 -28.00 8.32 24.34
CA ALA B 339 -27.38 7.00 24.24
C ALA B 339 -26.51 6.80 25.46
N TRP B 340 -26.60 5.61 26.07
CA TRP B 340 -25.79 5.29 27.23
C TRP B 340 -25.45 3.80 27.24
N THR B 341 -24.39 3.48 27.97
CA THR B 341 -23.94 2.10 28.14
C THR B 341 -23.43 1.91 29.56
N ALA B 342 -23.45 0.66 30.00
CA ALA B 342 -22.96 0.31 31.34
C ALA B 342 -22.60 -1.17 31.34
N GLY B 343 -21.51 -1.51 32.03
CA GLY B 343 -21.05 -2.89 32.05
C GLY B 343 -20.24 -3.19 33.29
N LEU B 344 -20.15 -4.47 33.61
CA LEU B 344 -19.33 -4.97 34.71
C LEU B 344 -18.31 -5.96 34.16
N GLY B 345 -17.13 -5.99 34.77
CA GLY B 345 -16.08 -6.86 34.29
C GLY B 345 -15.23 -7.38 35.42
N TYR B 346 -14.47 -8.42 35.10
CA TYR B 346 -13.53 -9.03 36.04
C TYR B 346 -12.45 -9.76 35.25
N GLY B 347 -11.21 -9.36 35.44
CA GLY B 347 -10.10 -10.01 34.76
C GLY B 347 -8.84 -9.17 34.85
N ASN B 348 -7.77 -9.75 34.31
CA ASN B 348 -6.46 -9.11 34.29
C ASN B 348 -5.83 -9.26 32.91
N TYR B 349 -6.63 -9.05 31.87
CA TYR B 349 -6.20 -9.36 30.52
C TYR B 349 -5.03 -8.48 30.09
N ASP B 350 -4.02 -9.11 29.51
CA ASP B 350 -2.90 -8.42 28.88
C ASP B 350 -2.38 -9.35 27.80
N ILE B 351 -2.44 -8.90 26.54
CA ILE B 351 -2.09 -9.77 25.42
C ILE B 351 -0.63 -10.19 25.50
N ALA B 352 0.23 -9.36 26.10
CA ALA B 352 1.65 -9.68 26.19
C ALA B 352 1.94 -10.76 27.21
N LYS B 353 1.02 -11.02 28.14
CA LYS B 353 1.23 -12.01 29.19
C LYS B 353 0.35 -13.22 28.93
N LYS B 354 0.97 -14.40 28.87
CA LYS B 354 0.23 -15.63 28.64
C LYS B 354 -0.61 -15.98 29.87
N GLY B 355 -1.82 -16.49 29.62
CA GLY B 355 -2.69 -16.96 30.67
C GLY B 355 -3.63 -15.93 31.24
N THR B 356 -3.48 -14.66 30.88
CA THR B 356 -4.38 -13.63 31.37
C THR B 356 -5.73 -13.73 30.67
N TRP B 357 -6.80 -13.53 31.43
CA TRP B 357 -8.16 -13.68 30.92
C TRP B 357 -9.03 -12.56 31.45
N ASP B 358 -10.15 -12.34 30.75
CA ASP B 358 -11.06 -11.25 31.09
C ASP B 358 -12.47 -11.66 30.68
N VAL B 359 -13.45 -11.25 31.49
CA VAL B 359 -14.86 -11.45 31.17
C VAL B 359 -15.61 -10.19 31.56
N LYS B 360 -16.57 -9.79 30.71
CA LYS B 360 -17.37 -8.62 30.99
C LYS B 360 -18.71 -8.73 30.26
N GLY B 361 -19.72 -8.11 30.84
CA GLY B 361 -21.04 -8.05 30.24
C GLY B 361 -21.60 -6.64 30.32
N GLN B 362 -21.88 -6.04 29.16
CA GLN B 362 -22.29 -4.65 29.10
C GLN B 362 -23.59 -4.51 28.33
N TYR B 363 -24.34 -3.47 28.67
CA TYR B 363 -25.67 -3.22 28.13
C TYR B 363 -25.67 -1.88 27.39
N PHE B 364 -26.26 -1.88 26.20
CA PHE B 364 -26.32 -0.69 25.35
C PHE B 364 -27.76 -0.23 25.21
N ASN B 365 -27.98 1.07 25.36
CA ASN B 365 -29.30 1.68 25.17
C ASN B 365 -29.11 2.98 24.40
N GLN B 366 -29.20 2.90 23.07
CA GLN B 366 -29.04 4.05 22.21
C GLN B 366 -30.31 4.25 21.39
N LYS B 367 -30.74 5.51 21.26
CA LYS B 367 -32.00 5.83 20.63
C LYS B 367 -31.82 6.03 19.13
N ALA B 368 -32.92 6.38 18.45
CA ALA B 368 -32.90 6.45 16.98
C ALA B 368 -31.98 7.54 16.48
N ASN B 369 -32.02 8.72 17.09
CA ASN B 369 -31.23 9.86 16.66
C ASN B 369 -29.91 9.99 17.41
N ALA B 370 -29.56 9.02 18.23
CA ALA B 370 -28.32 9.08 19.00
C ALA B 370 -27.12 9.05 18.07
N PRO B 371 -26.18 10.00 18.18
CA PRO B 371 -25.01 9.98 17.29
C PRO B 371 -24.03 8.88 17.66
N ILE B 372 -24.01 7.81 16.87
CA ILE B 372 -23.08 6.69 17.06
C ILE B 372 -22.41 6.48 15.70
N VAL B 373 -21.27 7.13 15.50
CA VAL B 373 -20.60 7.06 14.20
C VAL B 373 -19.76 5.78 14.10
N SER B 374 -18.74 5.68 14.96
CA SER B 374 -17.89 4.48 15.02
C SER B 374 -17.55 4.25 16.49
N SER B 375 -18.38 3.45 17.16
CA SER B 375 -18.23 3.22 18.59
C SER B 375 -16.96 2.41 18.89
N THR B 376 -16.43 2.59 20.11
CA THR B 376 -15.27 1.83 20.54
C THR B 376 -15.61 0.41 20.93
N TRP B 377 -16.88 0.12 21.20
CA TRP B 377 -17.31 -1.21 21.58
C TRP B 377 -17.68 -2.02 20.34
N ASP B 378 -18.08 -3.27 20.54
CA ASP B 378 -18.26 -4.21 19.44
C ASP B 378 -19.71 -4.60 19.20
N GLN B 379 -20.66 -3.75 19.58
CA GLN B 379 -22.04 -4.02 19.23
C GLN B 379 -22.23 -3.89 17.72
N ALA B 380 -23.08 -4.75 17.16
CA ALA B 380 -23.27 -4.81 15.72
C ALA B 380 -24.17 -3.69 15.19
N TYR B 381 -24.79 -2.92 16.06
CA TYR B 381 -25.79 -1.93 15.66
C TYR B 381 -25.32 -0.54 16.02
N ASP B 382 -25.33 0.36 15.03
CA ASP B 382 -24.98 1.75 15.24
C ASP B 382 -25.88 2.58 14.35
N LEU B 383 -25.52 3.85 14.13
CA LEU B 383 -26.36 4.75 13.34
C LEU B 383 -26.49 4.27 11.90
N THR B 384 -25.47 3.59 11.38
CA THR B 384 -25.50 3.14 9.98
C THR B 384 -26.38 1.91 9.77
N ASN B 385 -26.68 1.16 10.82
CA ASN B 385 -27.44 -0.08 10.69
C ASN B 385 -28.85 -0.01 11.23
N THR B 386 -29.14 0.89 12.17
CA THR B 386 -30.43 0.94 12.84
C THR B 386 -31.19 2.20 12.45
N SER B 387 -32.51 2.06 12.32
CA SER B 387 -33.40 3.18 12.05
C SER B 387 -34.23 3.59 13.25
N ASN B 388 -34.30 2.76 14.29
CA ASN B 388 -35.08 3.08 15.48
C ASN B 388 -34.29 2.78 16.76
N GLY B 389 -32.97 2.89 16.69
CA GLY B 389 -32.14 2.69 17.87
C GLY B 389 -31.83 1.23 18.13
N TYR B 390 -30.98 1.03 19.14
CA TYR B 390 -30.56 -0.30 19.56
C TYR B 390 -30.62 -0.40 21.07
N LYS B 391 -30.97 -1.60 21.56
CA LYS B 391 -31.13 -1.82 22.99
C LYS B 391 -30.94 -3.31 23.26
N GLY B 392 -29.86 -3.67 23.95
CA GLY B 392 -29.61 -5.07 24.24
C GLY B 392 -28.35 -5.23 25.05
N TYR B 393 -28.05 -6.48 25.38
CA TYR B 393 -26.90 -6.85 26.17
C TYR B 393 -25.81 -7.47 25.28
N MET B 394 -24.61 -7.57 25.85
CA MET B 394 -23.49 -8.17 25.14
C MET B 394 -22.48 -8.70 26.16
N ALA B 395 -22.14 -9.97 26.05
CA ALA B 395 -21.16 -10.61 26.91
C ALA B 395 -19.95 -11.00 26.08
N SER B 396 -18.77 -10.60 26.53
CA SER B 396 -17.52 -10.86 25.82
C SER B 396 -16.47 -11.40 26.78
N VAL B 397 -15.57 -12.22 26.23
CA VAL B 397 -14.49 -12.82 27.00
C VAL B 397 -13.17 -12.60 26.25
N ASP B 398 -12.08 -12.56 27.00
CA ASP B 398 -10.74 -12.45 26.45
C ASP B 398 -9.83 -13.47 27.11
N TYR B 399 -8.84 -13.96 26.35
CA TYR B 399 -7.88 -14.91 26.86
C TYR B 399 -6.60 -14.81 26.04
N ALA B 400 -5.47 -14.71 26.71
CA ALA B 400 -4.17 -14.70 26.04
C ALA B 400 -3.64 -16.12 26.00
N VAL B 401 -3.84 -16.79 24.87
CA VAL B 401 -3.40 -18.18 24.75
C VAL B 401 -1.88 -18.28 24.76
N GLN B 402 -1.20 -17.31 24.15
CA GLN B 402 0.25 -17.25 24.13
C GLN B 402 0.68 -15.82 24.41
N ASP B 403 2.00 -15.60 24.41
CA ASP B 403 2.52 -14.24 24.54
C ASP B 403 2.27 -13.47 23.26
N ASN B 404 1.67 -12.29 23.39
CA ASN B 404 1.30 -11.43 22.27
C ASN B 404 0.30 -12.09 21.33
N VAL B 405 -0.37 -13.15 21.79
CA VAL B 405 -1.45 -13.80 21.05
C VAL B 405 -2.66 -13.86 21.98
N GLY B 406 -3.79 -13.33 21.51
CA GLY B 406 -4.99 -13.30 22.33
C GLY B 406 -6.23 -13.78 21.61
N LEU B 407 -7.04 -14.57 22.31
CA LEU B 407 -8.29 -15.09 21.77
C LEU B 407 -9.45 -14.31 22.39
N SER B 408 -10.26 -13.70 21.56
CA SER B 408 -11.38 -12.87 22.00
C SER B 408 -12.67 -13.39 21.41
N ALA B 409 -13.72 -13.45 22.23
CA ALA B 409 -15.04 -13.87 21.79
C ALA B 409 -16.08 -12.92 22.37
N GLY B 410 -17.20 -12.81 21.66
CA GLY B 410 -18.28 -11.94 22.09
C GLY B 410 -19.61 -12.51 21.65
N TYR B 411 -20.67 -12.11 22.36
CA TYR B 411 -22.01 -12.59 22.07
C TYR B 411 -23.02 -11.53 22.50
N GLY B 412 -23.67 -10.90 21.53
CA GLY B 412 -24.73 -9.95 21.80
C GLY B 412 -26.08 -10.62 21.70
N PHE B 413 -26.87 -10.47 22.75
CA PHE B 413 -28.16 -11.14 22.86
C PHE B 413 -29.20 -10.13 23.34
N ASN B 414 -30.47 -10.52 23.26
CA ASN B 414 -31.59 -9.69 23.68
C ASN B 414 -31.59 -8.34 22.96
N SER B 415 -31.20 -8.34 21.69
CA SER B 415 -31.14 -7.11 20.90
C SER B 415 -32.55 -6.72 20.49
N LYS B 416 -32.91 -5.46 20.78
CA LYS B 416 -34.24 -4.94 20.45
C LYS B 416 -34.12 -3.50 20.02
N ASP B 417 -35.15 -3.03 19.32
CA ASP B 417 -35.26 -1.62 18.98
C ASP B 417 -35.79 -0.84 20.17
N GLN B 418 -35.82 0.49 20.02
CA GLN B 418 -36.39 1.33 21.08
C GLN B 418 -37.91 1.17 21.18
N SER B 419 -38.54 0.61 20.16
CA SER B 419 -39.97 0.33 20.18
C SER B 419 -40.29 -1.09 20.61
N GLY B 420 -39.29 -1.88 20.98
CA GLY B 420 -39.51 -3.25 21.40
C GLY B 420 -39.39 -4.29 20.31
N ASN B 421 -39.21 -3.89 19.06
CA ASN B 421 -39.07 -4.85 17.98
C ASN B 421 -37.76 -5.60 18.10
N ASP B 422 -37.82 -6.92 17.97
CA ASP B 422 -36.63 -7.76 18.15
C ASP B 422 -35.64 -7.55 17.01
N LEU B 423 -34.36 -7.50 17.36
CA LEU B 423 -33.26 -7.47 16.41
C LEU B 423 -32.57 -8.83 16.39
N SER B 424 -31.48 -8.92 15.64
CA SER B 424 -30.76 -10.18 15.45
C SER B 424 -29.61 -10.27 16.45
N ASP B 425 -29.53 -11.41 17.13
CA ASP B 425 -28.38 -11.67 18.00
C ASP B 425 -27.13 -11.87 17.18
N PHE B 426 -26.02 -11.35 17.70
CA PHE B 426 -24.74 -11.41 17.00
C PHE B 426 -23.68 -12.00 17.91
N TYR B 427 -22.64 -12.56 17.31
CA TYR B 427 -21.57 -13.22 18.03
C TYR B 427 -20.26 -13.03 17.27
N ARG B 428 -19.17 -13.00 18.02
CA ARG B 428 -17.86 -12.65 17.49
C ARG B 428 -16.81 -13.64 17.98
N ALA B 429 -15.74 -13.79 17.20
CA ALA B 429 -14.59 -14.61 17.59
C ALA B 429 -13.41 -14.20 16.74
N GLU B 430 -12.37 -13.65 17.35
CA GLU B 430 -11.20 -13.23 16.61
C GLU B 430 -9.93 -13.65 17.34
N LEU B 431 -8.86 -13.81 16.57
CA LEU B 431 -7.52 -14.07 17.09
C LEU B 431 -6.64 -12.87 16.79
N ASN B 432 -6.01 -12.33 17.83
CA ASN B 432 -5.18 -11.14 17.70
C ASN B 432 -3.72 -11.51 17.96
N TYR B 433 -2.86 -11.12 17.02
CA TYR B 433 -1.41 -11.33 17.11
C TYR B 433 -0.75 -9.96 17.15
N LYS B 434 0.16 -9.78 18.10
CA LYS B 434 0.82 -8.50 18.32
C LYS B 434 2.32 -8.64 18.07
N PHE B 435 2.87 -7.74 17.25
CA PHE B 435 4.30 -7.72 16.99
C PHE B 435 4.78 -6.32 16.68
N ARG C 128 18.24 -9.30 14.05
CA ARG C 128 16.96 -8.81 13.54
C ARG C 128 17.17 -7.77 12.45
N VAL C 129 18.37 -7.18 12.40
CA VAL C 129 18.70 -6.21 11.38
C VAL C 129 19.09 -6.93 10.10
N GLY C 130 18.70 -6.35 8.96
CA GLY C 130 18.98 -6.91 7.66
C GLY C 130 19.71 -5.91 6.78
N ASN C 131 19.43 -6.00 5.48
CA ASN C 131 20.03 -5.11 4.50
C ASN C 131 19.15 -3.91 4.19
N VAL C 132 17.97 -3.80 4.80
CA VAL C 132 17.00 -2.77 4.48
C VAL C 132 17.01 -1.73 5.61
N LYS C 133 17.14 -0.47 5.23
CA LYS C 133 17.03 0.65 6.15
C LYS C 133 15.78 1.46 5.81
N VAL C 134 14.98 1.74 6.83
CA VAL C 134 13.68 2.38 6.66
C VAL C 134 13.82 3.86 6.98
N THR C 135 13.46 4.71 6.02
CA THR C 135 13.39 6.15 6.19
C THR C 135 12.01 6.62 5.73
N GLY C 136 11.82 7.93 5.69
CA GLY C 136 10.57 8.46 5.21
C GLY C 136 10.43 9.93 5.58
N ASP C 137 9.24 10.46 5.27
CA ASP C 137 8.93 11.84 5.57
C ASP C 137 7.43 12.01 5.66
N ALA C 138 7.00 13.09 6.31
CA ALA C 138 5.59 13.44 6.44
C ALA C 138 5.44 14.93 6.13
N ARG C 139 4.32 15.29 5.51
CA ARG C 139 4.06 16.66 5.10
C ARG C 139 2.61 17.02 5.37
N ILE C 140 2.40 18.23 5.89
CA ILE C 140 1.07 18.83 6.05
C ILE C 140 1.08 20.12 5.26
N ARG C 141 0.44 20.12 4.09
CA ARG C 141 0.54 21.21 3.14
C ARG C 141 -0.79 21.94 3.02
N TYR C 142 -0.71 23.26 2.83
CA TYR C 142 -1.86 24.09 2.55
C TYR C 142 -1.61 24.87 1.27
N GLN C 143 -2.60 24.89 0.38
CA GLN C 143 -2.52 25.60 -0.89
C GLN C 143 -3.77 26.42 -1.11
N GLY C 144 -3.60 27.62 -1.63
CA GLY C 144 -4.73 28.50 -1.87
C GLY C 144 -4.48 29.42 -3.04
N SER C 145 -5.56 30.06 -3.49
CA SER C 145 -5.50 30.98 -4.61
C SER C 145 -6.67 31.94 -4.53
N GLU C 146 -6.59 33.03 -5.30
CA GLU C 146 -7.67 33.99 -5.35
C GLU C 146 -8.79 33.57 -6.28
N ASP C 147 -8.58 32.53 -7.09
CA ASP C 147 -9.61 32.01 -7.99
C ASP C 147 -9.77 30.51 -7.76
N LYS C 148 -10.96 30.02 -8.06
CA LYS C 148 -11.28 28.62 -7.84
C LYS C 148 -10.77 27.76 -8.99
N GLY C 149 -10.32 26.55 -8.66
CA GLY C 149 -9.90 25.58 -9.64
C GLY C 149 -8.40 25.43 -9.82
N VAL C 150 -7.60 26.32 -9.23
CA VAL C 150 -6.16 26.25 -9.41
C VAL C 150 -5.59 24.99 -8.76
N TYR C 151 -6.03 24.67 -7.55
CA TYR C 151 -5.56 23.51 -6.81
C TYR C 151 -6.64 22.47 -6.61
N LYS C 152 -7.84 22.88 -6.23
CA LYS C 152 -8.98 21.99 -6.07
C LYS C 152 -10.13 22.47 -6.93
N ALA C 153 -10.85 21.52 -7.52
CA ALA C 153 -11.95 21.87 -8.42
C ALA C 153 -13.07 22.56 -7.65
N ASN C 154 -13.59 23.64 -8.22
CA ASN C 154 -14.73 24.39 -7.66
C ASN C 154 -14.42 24.98 -6.28
N SER C 155 -13.15 25.20 -5.97
CA SER C 155 -12.78 25.82 -4.71
C SER C 155 -11.41 26.47 -4.87
N LYS C 156 -11.11 27.41 -3.97
CA LYS C 156 -9.86 28.16 -4.02
C LYS C 156 -8.93 27.82 -2.86
N SER C 157 -9.02 26.60 -2.33
CA SER C 157 -8.15 26.17 -1.24
C SER C 157 -8.00 24.66 -1.30
N LEU C 158 -6.94 24.16 -0.66
CA LEU C 158 -6.69 22.72 -0.60
C LEU C 158 -5.75 22.44 0.54
N THR C 159 -6.23 21.72 1.55
CA THR C 159 -5.41 21.25 2.66
C THR C 159 -5.29 19.74 2.58
N ASP C 160 -4.06 19.23 2.52
CA ASP C 160 -3.81 17.81 2.34
C ASP C 160 -2.54 17.42 3.10
N GLY C 161 -2.40 16.12 3.32
CA GLY C 161 -1.22 15.60 3.99
C GLY C 161 -0.64 14.45 3.19
N ARG C 162 0.67 14.26 3.34
CA ARG C 162 1.39 13.21 2.64
C ARG C 162 2.28 12.45 3.62
N ALA C 163 2.30 11.13 3.47
CA ALA C 163 3.17 10.26 4.27
C ALA C 163 3.88 9.31 3.33
N ARG C 164 5.21 9.29 3.38
CA ARG C 164 6.03 8.43 2.55
C ARG C 164 6.96 7.62 3.43
N VAL C 165 7.10 6.33 3.11
CA VAL C 165 8.03 5.44 3.78
C VAL C 165 8.93 4.82 2.72
N GLN C 166 10.23 5.00 2.87
CA GLN C 166 11.21 4.53 1.90
C GLN C 166 12.06 3.43 2.50
N PHE C 167 12.28 2.37 1.72
CA PHE C 167 13.10 1.23 2.14
C PHE C 167 14.35 1.20 1.29
N ASN C 168 15.49 1.53 1.90
CA ASN C 168 16.79 1.52 1.24
C ASN C 168 17.47 0.20 1.56
N ALA C 169 17.73 -0.60 0.53
CA ALA C 169 18.25 -1.95 0.69
C ALA C 169 19.61 -2.07 0.00
N ASN C 170 20.56 -2.73 0.66
CA ASN C 170 21.87 -3.01 0.09
C ASN C 170 21.86 -4.44 -0.43
N VAL C 171 21.71 -4.60 -1.74
CA VAL C 171 21.73 -5.94 -2.34
C VAL C 171 23.11 -6.57 -2.18
N ASN C 172 24.16 -5.79 -2.44
CA ASN C 172 25.54 -6.22 -2.24
C ASN C 172 26.40 -4.97 -2.10
N ASP C 173 27.72 -5.15 -2.18
CA ASP C 173 28.64 -4.03 -1.97
C ASP C 173 28.48 -2.95 -3.03
N LYS C 174 28.07 -3.31 -4.24
CA LYS C 174 27.98 -2.36 -5.34
C LYS C 174 26.57 -2.21 -5.92
N THR C 175 25.57 -2.87 -5.33
CA THR C 175 24.20 -2.78 -5.81
C THR C 175 23.28 -2.44 -4.65
N GLN C 176 22.34 -1.52 -4.89
CA GLN C 176 21.35 -1.14 -3.90
C GLN C 176 20.01 -0.93 -4.58
N ALA C 177 18.95 -1.21 -3.83
CA ALA C 177 17.58 -1.10 -4.33
C ALA C 177 16.76 -0.22 -3.40
N VAL C 178 15.95 0.66 -3.98
CA VAL C 178 15.14 1.60 -3.23
C VAL C 178 13.68 1.40 -3.58
N VAL C 179 12.84 1.20 -2.57
CA VAL C 179 11.40 1.07 -2.72
C VAL C 179 10.75 2.06 -1.78
N ARG C 180 9.86 2.91 -2.30
CA ARG C 180 9.18 3.92 -1.51
C ARG C 180 7.67 3.74 -1.62
N VAL C 181 7.00 3.74 -0.48
CA VAL C 181 5.54 3.65 -0.42
C VAL C 181 5.00 5.02 -0.03
N LYS C 182 4.06 5.54 -0.80
CA LYS C 182 3.57 6.89 -0.67
C LYS C 182 2.05 6.90 -0.53
N GLY C 183 1.56 7.77 0.34
CA GLY C 183 0.12 7.91 0.54
C GLY C 183 -0.33 9.34 0.72
N ASN C 184 -1.26 9.79 -0.11
CA ASN C 184 -1.81 11.14 -0.04
C ASN C 184 -3.24 11.09 0.48
N TYR C 185 -3.57 12.03 1.36
CA TYR C 185 -4.93 12.17 1.86
C TYR C 185 -5.28 13.65 1.95
N GLU C 186 -6.57 13.94 1.87
CA GLU C 186 -7.09 15.29 2.05
C GLU C 186 -7.80 15.39 3.40
N PHE C 187 -7.56 16.48 4.11
CA PHE C 187 -8.16 16.68 5.43
C PHE C 187 -9.68 16.80 5.29
N GLY C 188 -10.40 15.75 5.71
CA GLY C 188 -11.84 15.74 5.67
C GLY C 188 -12.45 14.95 4.54
N ASP C 189 -11.64 14.48 3.58
CA ASP C 189 -12.14 13.72 2.44
C ASP C 189 -12.17 12.25 2.83
N SER C 190 -13.36 11.72 3.10
CA SER C 190 -13.53 10.33 3.51
C SER C 190 -14.23 9.50 2.44
N THR C 191 -14.31 10.00 1.21
CA THR C 191 -14.93 9.21 0.13
C THR C 191 -14.15 7.94 -0.14
N LYS C 192 -12.83 8.02 -0.14
CA LYS C 192 -11.97 6.87 -0.35
C LYS C 192 -10.84 6.89 0.67
N GLY C 193 -10.29 5.71 0.93
CA GLY C 193 -9.15 5.62 1.82
C GLY C 193 -7.89 6.15 1.18
N SER C 194 -6.85 6.29 2.00
CA SER C 194 -5.55 6.75 1.53
C SER C 194 -4.77 5.56 0.98
N GLN C 195 -5.09 5.21 -0.26
CA GLN C 195 -4.44 4.08 -0.91
C GLN C 195 -2.93 4.31 -1.00
N ALA C 196 -2.17 3.28 -0.66
CA ALA C 196 -0.72 3.34 -0.71
C ALA C 196 -0.22 2.93 -2.09
N THR C 197 0.61 3.77 -2.69
CA THR C 197 1.15 3.52 -4.01
C THR C 197 2.68 3.48 -3.95
N ILE C 198 3.27 2.62 -4.77
CA ILE C 198 4.72 2.48 -4.84
C ILE C 198 5.26 3.64 -5.68
N ASP C 199 5.69 4.71 -5.01
CA ASP C 199 6.19 5.88 -5.72
C ASP C 199 7.49 5.58 -6.44
N ARG C 200 8.41 4.87 -5.79
CA ARG C 200 9.72 4.57 -6.35
C ARG C 200 10.01 3.08 -6.21
N ALA C 201 10.56 2.50 -7.28
CA ALA C 201 11.00 1.11 -7.26
C ALA C 201 12.09 0.97 -8.33
N TYR C 202 13.34 0.97 -7.90
CA TYR C 202 14.46 0.96 -8.84
C TYR C 202 15.68 0.35 -8.16
N VAL C 203 16.67 0.00 -8.98
CA VAL C 203 17.93 -0.58 -8.52
C VAL C 203 19.07 0.28 -9.04
N ASP C 204 20.03 0.57 -8.17
CA ASP C 204 21.17 1.42 -8.49
C ASP C 204 22.44 0.57 -8.50
N HIS C 205 23.16 0.61 -9.61
CA HIS C 205 24.40 -0.13 -9.77
C HIS C 205 25.59 0.83 -9.84
N LYS C 206 26.68 0.46 -9.19
CA LYS C 206 27.91 1.24 -9.19
C LYS C 206 28.96 0.45 -9.97
N PHE C 207 29.08 0.75 -11.27
CA PHE C 207 30.02 0.05 -12.14
C PHE C 207 31.40 0.73 -12.09
N GLY C 208 31.98 0.70 -10.88
CA GLY C 208 33.26 1.34 -10.66
C GLY C 208 33.16 2.56 -9.77
N SER C 209 33.98 3.58 -10.04
CA SER C 209 33.94 4.82 -9.29
C SER C 209 33.42 6.00 -10.09
N ASN C 210 33.25 5.85 -11.41
CA ASN C 210 32.78 6.93 -12.26
C ASN C 210 31.50 6.60 -13.01
N VAL C 211 31.09 5.35 -13.08
CA VAL C 211 29.93 4.92 -13.86
C VAL C 211 28.87 4.38 -12.91
N SER C 212 27.65 4.86 -13.06
CA SER C 212 26.51 4.40 -12.29
C SER C 212 25.33 4.18 -13.22
N ALA C 213 24.41 3.31 -12.81
CA ALA C 213 23.26 2.96 -13.63
C ALA C 213 22.03 2.77 -12.76
N LYS C 214 20.88 3.20 -13.27
CA LYS C 214 19.59 3.01 -12.63
C LYS C 214 18.63 2.33 -13.60
N ALA C 215 17.68 1.59 -13.05
CA ALA C 215 16.66 0.92 -13.85
C ALA C 215 15.43 0.69 -12.99
N GLY C 216 14.26 0.92 -13.58
CA GLY C 216 12.99 0.75 -12.88
C GLY C 216 12.23 2.07 -12.80
N ARG C 217 11.60 2.30 -11.66
CA ARG C 217 10.79 3.50 -11.42
C ARG C 217 11.54 4.41 -10.45
N PHE C 218 12.14 5.47 -10.99
CA PHE C 218 12.94 6.39 -10.19
C PHE C 218 12.56 7.83 -10.48
N GLN C 219 13.35 8.78 -9.97
CA GLN C 219 13.12 10.20 -10.20
C GLN C 219 14.13 10.71 -11.22
N GLN C 220 13.63 11.35 -12.27
CA GLN C 220 14.47 11.91 -13.33
C GLN C 220 14.29 13.42 -13.38
N THR C 221 15.41 14.13 -13.40
CA THR C 221 15.43 15.60 -13.52
C THR C 221 15.92 15.93 -14.92
N ILE C 222 15.02 16.43 -15.77
CA ILE C 222 15.37 16.79 -17.14
C ILE C 222 15.90 18.21 -17.13
N GLY C 223 17.22 18.34 -17.23
CA GLY C 223 17.87 19.65 -17.16
C GLY C 223 18.00 20.14 -15.74
N GLY C 224 17.60 21.39 -15.50
CA GLY C 224 17.59 21.93 -14.16
C GLY C 224 16.34 21.65 -13.37
N GLY C 225 15.38 20.93 -13.95
CA GLY C 225 14.14 20.60 -13.29
C GLY C 225 12.95 21.43 -13.73
N LEU C 226 13.17 22.48 -14.52
CA LEU C 226 12.05 23.31 -14.98
C LEU C 226 11.10 22.50 -15.87
N MET C 227 11.66 21.73 -16.80
CA MET C 227 10.82 20.93 -17.69
C MET C 227 10.16 19.78 -16.95
N TYR C 228 10.94 19.01 -16.19
CA TYR C 228 10.42 17.82 -15.54
C TYR C 228 11.36 17.38 -14.44
N ASP C 229 10.81 17.13 -13.25
CA ASP C 229 11.54 16.48 -12.16
C ASP C 229 10.51 15.70 -11.35
N ASP C 230 10.35 14.42 -11.69
CA ASP C 230 9.30 13.60 -11.12
C ASP C 230 9.58 12.14 -11.46
N THR C 231 8.59 11.28 -11.24
CA THR C 231 8.73 9.84 -11.47
C THR C 231 9.07 9.55 -12.92
N PHE C 232 9.86 8.49 -13.12
CA PHE C 232 10.37 8.14 -14.44
C PHE C 232 10.56 6.62 -14.51
N ASP C 233 9.97 6.00 -15.52
CA ASP C 233 10.15 4.57 -15.78
C ASP C 233 11.13 4.42 -16.94
N GLY C 234 12.17 3.63 -16.73
CA GLY C 234 13.16 3.40 -17.75
C GLY C 234 14.51 3.10 -17.13
N ALA C 235 15.57 3.49 -17.84
CA ALA C 235 16.94 3.28 -17.41
C ALA C 235 17.69 4.60 -17.42
N GLN C 236 18.67 4.72 -16.53
CA GLN C 236 19.49 5.91 -16.41
C GLN C 236 20.95 5.51 -16.30
N LEU C 237 21.81 6.25 -17.00
CA LEU C 237 23.25 5.99 -16.99
C LEU C 237 23.98 7.26 -16.57
N ASN C 238 24.96 7.11 -15.70
CA ASN C 238 25.71 8.23 -15.13
C ASN C 238 27.19 8.01 -15.36
N VAL C 239 27.88 9.03 -15.86
CA VAL C 239 29.33 9.03 -16.04
C VAL C 239 29.85 10.34 -15.47
N GLY C 240 30.48 10.28 -14.30
CA GLY C 240 30.91 11.47 -13.59
C GLY C 240 32.42 11.54 -13.46
N ASN C 241 32.92 12.73 -13.13
CA ASN C 241 34.34 12.98 -12.95
C ASN C 241 34.60 13.89 -11.75
N ASP C 242 33.58 14.12 -10.93
CA ASP C 242 33.59 14.99 -9.75
C ASP C 242 33.71 16.47 -10.12
N LYS C 243 33.89 16.80 -11.39
CA LYS C 243 33.89 18.19 -11.84
C LYS C 243 33.00 18.34 -13.06
N VAL C 244 32.84 17.25 -13.81
CA VAL C 244 31.93 17.20 -14.95
C VAL C 244 31.15 15.88 -14.87
N GLN C 245 29.85 15.95 -15.18
CA GLN C 245 28.98 14.80 -15.08
C GLN C 245 28.15 14.67 -16.35
N VAL C 246 28.01 13.44 -16.83
CA VAL C 246 27.17 13.13 -17.98
C VAL C 246 26.10 12.14 -17.54
N GLN C 247 24.84 12.46 -17.83
CA GLN C 247 23.72 11.60 -17.47
C GLN C 247 22.88 11.33 -18.71
N GLY C 248 22.57 10.05 -18.94
CA GLY C 248 21.71 9.67 -20.05
C GLY C 248 20.56 8.81 -19.60
N ALA C 249 19.34 9.21 -19.94
CA ALA C 249 18.14 8.51 -19.52
C ALA C 249 17.28 8.15 -20.72
N TYR C 250 16.64 7.00 -20.65
CA TYR C 250 15.72 6.54 -21.68
C TYR C 250 14.50 5.92 -21.01
N GLY C 251 13.32 6.44 -21.30
CA GLY C 251 12.10 5.92 -20.70
C GLY C 251 10.89 6.81 -20.83
N TYR C 252 10.00 6.76 -19.86
CA TYR C 252 8.72 7.45 -19.92
C TYR C 252 8.50 8.26 -18.66
N MET C 253 7.83 9.40 -18.82
CA MET C 253 7.41 10.22 -17.69
C MET C 253 6.05 9.74 -17.18
N ILE C 254 5.86 9.83 -15.88
CA ILE C 254 4.69 9.26 -15.21
C ILE C 254 3.74 10.34 -14.72
N ASP C 255 4.27 11.38 -14.08
CA ASP C 255 3.43 12.43 -13.51
C ASP C 255 3.45 13.67 -14.39
N GLY C 256 2.52 14.59 -14.08
CA GLY C 256 2.40 15.82 -14.83
C GLY C 256 1.48 15.70 -16.02
N ALA C 257 1.87 16.29 -17.15
CA ALA C 257 1.10 16.14 -18.38
C ALA C 257 1.17 14.74 -18.94
N ALA C 258 2.12 13.92 -18.48
CA ALA C 258 2.24 12.53 -18.90
C ALA C 258 1.39 11.58 -18.07
N ASP C 259 0.65 12.09 -17.09
CA ASP C 259 -0.21 11.25 -16.27
C ASP C 259 -1.46 10.85 -17.05
N GLY C 260 -1.92 9.63 -16.81
CA GLY C 260 -3.10 9.13 -17.49
C GLY C 260 -2.87 8.58 -18.86
N ASN C 261 -1.61 8.34 -19.24
CA ASN C 261 -1.26 7.82 -20.55
C ASN C 261 -0.87 6.36 -20.44
N SER C 262 -1.39 5.54 -21.36
CA SER C 262 -0.97 4.15 -21.44
C SER C 262 0.43 4.07 -22.04
N LYS C 263 0.96 2.84 -22.11
CA LYS C 263 2.31 2.65 -22.63
C LYS C 263 2.42 3.10 -24.08
N SER C 264 1.41 2.80 -24.89
CA SER C 264 1.44 3.18 -26.30
C SER C 264 1.28 4.69 -26.47
N ASP C 265 0.48 5.33 -25.61
CA ASP C 265 0.21 6.76 -25.72
C ASP C 265 1.21 7.63 -24.96
N ASN C 266 2.10 7.03 -24.17
CA ASN C 266 3.07 7.80 -23.41
C ASN C 266 4.30 8.05 -24.26
N PRO C 267 4.66 9.30 -24.56
CA PRO C 267 5.87 9.55 -25.34
C PRO C 267 7.11 9.11 -24.58
N SER C 268 8.08 8.57 -25.32
CA SER C 268 9.35 8.15 -24.75
C SER C 268 10.35 9.29 -24.78
N VAL C 269 11.19 9.36 -23.75
CA VAL C 269 12.16 10.44 -23.59
C VAL C 269 13.56 9.86 -23.76
N SER C 270 14.30 10.40 -24.72
CA SER C 270 15.71 10.08 -24.90
C SER C 270 16.51 11.31 -24.52
N TYR C 271 16.99 11.34 -23.27
CA TYR C 271 17.56 12.54 -22.67
C TYR C 271 19.04 12.33 -22.41
N VAL C 272 19.84 13.35 -22.72
CA VAL C 272 21.25 13.39 -22.40
C VAL C 272 21.55 14.74 -21.76
N GLY C 273 22.33 14.72 -20.68
CA GLY C 273 22.60 15.94 -19.95
C GLY C 273 24.05 16.11 -19.52
N LEU C 274 24.54 17.34 -19.58
CA LEU C 274 25.90 17.68 -19.17
C LEU C 274 25.84 18.64 -17.99
N LYS C 275 26.67 18.42 -16.99
CA LYS C 275 26.73 19.26 -15.80
C LYS C 275 28.19 19.43 -15.40
N GLY C 276 28.69 20.65 -15.48
CA GLY C 276 30.06 20.97 -15.12
C GLY C 276 30.10 21.91 -13.92
N LYS C 277 31.15 21.78 -13.11
CA LYS C 277 31.31 22.60 -11.92
C LYS C 277 32.19 23.79 -12.28
N VAL C 278 31.58 24.97 -12.38
CA VAL C 278 32.33 26.16 -12.74
C VAL C 278 33.10 26.73 -11.56
N GLY C 279 32.64 26.49 -10.33
CA GLY C 279 33.33 26.98 -9.15
C GLY C 279 33.47 25.94 -8.07
N LYS C 280 33.71 26.38 -6.83
CA LYS C 280 33.81 25.44 -5.72
C LYS C 280 32.50 24.71 -5.50
N GLU C 281 31.38 25.44 -5.56
CA GLU C 281 30.06 24.83 -5.46
C GLU C 281 29.08 25.32 -6.51
N SER C 282 29.41 26.35 -7.29
CA SER C 282 28.57 26.74 -8.41
C SER C 282 28.72 25.74 -9.56
N SER C 283 27.70 25.69 -10.41
CA SER C 283 27.70 24.75 -11.52
C SER C 283 26.86 25.29 -12.67
N VAL C 284 27.26 24.95 -13.89
CA VAL C 284 26.50 25.25 -15.09
C VAL C 284 26.34 23.95 -15.89
N GLY C 285 25.39 23.95 -16.80
CA GLY C 285 25.16 22.75 -17.59
C GLY C 285 24.14 22.99 -18.68
N GLY C 286 23.82 21.90 -19.39
CA GLY C 286 22.83 21.93 -20.45
C GLY C 286 22.33 20.53 -20.70
N PHE C 287 21.36 20.42 -21.61
CA PHE C 287 20.76 19.13 -21.89
C PHE C 287 20.14 19.15 -23.28
N TYR C 288 19.94 17.95 -23.83
CA TYR C 288 19.22 17.76 -25.08
C TYR C 288 18.30 16.56 -24.92
N SER C 289 17.01 16.76 -25.18
CA SER C 289 16.02 15.72 -25.00
C SER C 289 15.25 15.50 -26.30
N ARG C 290 14.80 14.27 -26.50
CA ARG C 290 14.02 13.90 -27.67
C ARG C 290 12.77 13.17 -27.21
N LEU C 291 11.60 13.77 -27.46
CA LEU C 291 10.32 13.20 -27.10
C LEU C 291 9.64 12.68 -28.36
N SER C 292 9.16 11.44 -28.30
CA SER C 292 8.46 10.84 -29.42
C SER C 292 7.01 11.29 -29.44
N SER C 293 6.26 10.79 -30.41
CA SER C 293 4.83 11.11 -30.49
C SER C 293 4.09 10.49 -29.32
N GLY C 294 3.18 11.25 -28.73
CA GLY C 294 2.42 10.76 -27.60
C GLY C 294 1.41 11.79 -27.16
N ASN C 295 0.59 11.39 -26.18
CA ASN C 295 -0.47 12.24 -25.67
C ASN C 295 -0.02 12.94 -24.40
N LEU C 296 -0.24 14.25 -24.34
CA LEU C 296 0.08 15.06 -23.18
C LEU C 296 -1.14 15.89 -22.79
N ASN C 297 -1.25 16.19 -21.51
CA ASN C 297 -2.39 16.94 -20.97
C ASN C 297 -2.16 18.42 -21.20
N HIS C 298 -2.91 18.99 -22.14
CA HIS C 298 -2.83 20.41 -22.47
C HIS C 298 -4.11 21.09 -22.01
N ASN C 299 -4.03 21.84 -20.91
CA ASN C 299 -5.17 22.55 -20.34
C ASN C 299 -6.35 21.60 -20.07
N GLY C 300 -6.03 20.42 -19.54
CA GLY C 300 -7.05 19.45 -19.21
C GLY C 300 -7.53 18.61 -20.38
N VAL C 301 -6.95 18.80 -21.57
CA VAL C 301 -7.32 18.04 -22.76
C VAL C 301 -6.09 17.31 -23.27
N THR C 302 -6.19 16.00 -23.42
CA THR C 302 -5.09 15.19 -23.91
C THR C 302 -5.04 15.29 -25.43
N VAL C 303 -3.96 15.87 -25.95
CA VAL C 303 -3.78 16.02 -27.39
C VAL C 303 -2.54 15.28 -27.82
N ASN C 304 -2.57 14.75 -29.04
CA ASN C 304 -1.45 14.02 -29.61
C ASN C 304 -0.50 15.01 -30.28
N SER C 305 0.79 14.91 -29.96
CA SER C 305 1.80 15.80 -30.48
C SER C 305 2.87 15.01 -31.21
N ASP C 306 3.55 15.68 -32.14
CA ASP C 306 4.59 15.04 -32.95
C ASP C 306 5.89 14.98 -32.14
N LYS C 307 6.98 14.63 -32.81
CA LYS C 307 8.27 14.55 -32.15
C LYS C 307 8.72 15.93 -31.68
N GLN C 308 9.35 15.96 -30.51
CA GLN C 308 9.88 17.20 -29.94
C GLN C 308 11.34 17.01 -29.59
N ASP C 309 12.17 17.96 -30.00
CA ASP C 309 13.59 17.99 -29.67
C ASP C 309 13.80 19.16 -28.72
N VAL C 310 13.84 18.86 -27.43
CA VAL C 310 13.95 19.89 -26.41
C VAL C 310 15.40 19.99 -25.95
N TYR C 311 15.95 21.20 -26.02
CA TYR C 311 17.30 21.48 -25.55
C TYR C 311 17.25 22.68 -24.62
N GLY C 312 18.23 22.77 -23.72
CA GLY C 312 18.23 23.87 -22.78
C GLY C 312 19.54 23.99 -22.06
N PHE C 313 19.68 25.11 -21.34
CA PHE C 313 20.86 25.39 -20.55
C PHE C 313 20.43 25.91 -19.19
N ASN C 314 21.30 25.73 -18.20
CA ASN C 314 21.01 26.20 -16.85
C ASN C 314 22.30 26.65 -16.17
N ALA C 315 22.14 27.48 -15.15
CA ALA C 315 23.25 27.97 -14.35
C ALA C 315 22.83 28.00 -12.89
N ASP C 316 23.75 27.66 -11.99
CA ASP C 316 23.45 27.60 -10.56
C ASP C 316 24.68 28.11 -9.82
N PHE C 317 24.65 29.40 -9.45
CA PHE C 317 25.75 30.02 -8.73
C PHE C 317 25.40 30.14 -7.25
N ARG C 318 26.37 29.79 -6.40
CA ARG C 318 26.17 29.76 -4.95
C ARG C 318 27.44 30.26 -4.29
N LYS C 319 27.44 31.53 -3.87
CA LYS C 319 28.57 32.15 -3.20
C LYS C 319 28.17 32.48 -1.77
N ASN C 320 28.91 31.93 -0.81
CA ASN C 320 28.59 32.08 0.61
C ASN C 320 27.16 31.64 0.88
N LYS C 321 26.29 32.59 1.22
CA LYS C 321 24.87 32.31 1.38
C LYS C 321 24.04 32.80 0.20
N LEU C 322 24.60 33.64 -0.66
CA LEU C 322 23.85 34.12 -1.82
C LEU C 322 23.71 33.02 -2.86
N TRP C 323 22.54 32.99 -3.50
CA TRP C 323 22.27 32.04 -4.57
C TRP C 323 21.66 32.77 -5.75
N ALA C 324 22.15 32.46 -6.95
CA ALA C 324 21.66 33.07 -8.19
C ALA C 324 21.62 31.99 -9.25
N GLY C 325 20.42 31.53 -9.58
CA GLY C 325 20.24 30.45 -10.53
C GLY C 325 19.30 30.85 -11.66
N GLY C 326 19.34 30.08 -12.74
CA GLY C 326 18.47 30.32 -13.87
C GLY C 326 18.52 29.16 -14.83
N GLU C 327 17.47 29.05 -15.64
CA GLU C 327 17.38 27.97 -16.63
C GLU C 327 16.60 28.46 -17.83
N TRP C 328 17.00 28.00 -19.02
CA TRP C 328 16.33 28.33 -20.26
C TRP C 328 16.19 27.06 -21.09
N LEU C 329 15.00 26.83 -21.63
CA LEU C 329 14.77 25.66 -22.46
C LEU C 329 13.86 26.05 -23.62
N LYS C 330 13.94 25.27 -24.69
CA LYS C 330 13.14 25.54 -25.89
C LYS C 330 13.08 24.27 -26.72
N ALA C 331 11.92 24.05 -27.35
CA ALA C 331 11.77 22.98 -28.34
C ALA C 331 12.01 23.58 -29.73
N SER C 332 12.98 23.02 -30.45
CA SER C 332 13.41 23.61 -31.71
C SER C 332 12.30 23.59 -32.75
N ASN C 333 11.59 22.48 -32.87
CA ASN C 333 10.60 22.34 -33.93
C ASN C 333 9.24 22.95 -33.58
N VAL C 334 8.95 23.18 -32.31
CA VAL C 334 7.69 23.77 -31.89
C VAL C 334 7.88 25.26 -31.64
N ASP C 335 7.02 26.08 -32.25
CA ASP C 335 7.06 27.51 -32.04
C ASP C 335 6.36 27.87 -30.74
N ASN C 336 6.78 29.00 -30.15
CA ASN C 336 6.28 29.46 -28.85
C ASN C 336 6.47 28.39 -27.79
N SER C 337 7.61 27.70 -27.83
CA SER C 337 7.93 26.66 -26.87
C SER C 337 9.01 27.08 -25.88
N GLN C 338 9.43 28.35 -25.92
CA GLN C 338 10.49 28.82 -25.04
C GLN C 338 9.96 28.97 -23.62
N ALA C 339 10.78 28.56 -22.66
CA ALA C 339 10.47 28.72 -21.24
C ALA C 339 11.76 28.96 -20.49
N TRP C 340 11.76 29.94 -19.59
CA TRP C 340 12.93 30.24 -18.79
C TRP C 340 12.52 30.72 -17.41
N THR C 341 13.46 30.61 -16.46
CA THR C 341 13.26 31.07 -15.10
C THR C 341 14.56 31.65 -14.58
N ALA C 342 14.44 32.52 -13.58
CA ALA C 342 15.60 33.14 -12.94
C ALA C 342 15.20 33.60 -11.56
N GLY C 343 16.10 33.45 -10.60
CA GLY C 343 15.79 33.83 -9.22
C GLY C 343 17.04 34.15 -8.44
N LEU C 344 16.85 34.89 -7.35
CA LEU C 344 17.90 35.22 -6.41
C LEU C 344 17.52 34.71 -5.03
N GLY C 345 18.52 34.30 -4.26
CA GLY C 345 18.26 33.74 -2.95
C GLY C 345 19.35 34.10 -1.96
N TYR C 346 19.03 33.90 -0.69
CA TYR C 346 19.97 34.12 0.40
C TYR C 346 19.51 33.30 1.61
N GLY C 347 20.37 32.40 2.07
CA GLY C 347 20.05 31.60 3.23
C GLY C 347 20.99 30.42 3.34
N ASN C 348 20.80 29.67 4.42
CA ASN C 348 21.59 28.49 4.72
C ASN C 348 20.69 27.35 5.17
N TYR C 349 19.57 27.18 4.47
CA TYR C 349 18.55 26.26 4.92
C TYR C 349 19.04 24.81 4.92
N ASP C 350 18.78 24.12 6.02
CA ASP C 350 19.01 22.68 6.13
C ASP C 350 18.00 22.16 7.13
N ILE C 351 17.12 21.26 6.68
CA ILE C 351 16.04 20.79 7.54
C ILE C 351 16.57 20.07 8.77
N ALA C 352 17.75 19.45 8.65
CA ALA C 352 18.32 18.73 9.79
C ALA C 352 18.86 19.64 10.87
N LYS C 353 19.12 20.91 10.55
CA LYS C 353 19.69 21.86 11.50
C LYS C 353 18.63 22.87 11.91
N LYS C 354 18.40 22.99 13.22
CA LYS C 354 17.42 23.94 13.72
C LYS C 354 17.92 25.37 13.54
N GLY C 355 16.99 26.27 13.19
CA GLY C 355 17.29 27.68 13.07
C GLY C 355 17.74 28.13 11.71
N THR C 356 18.01 27.21 10.78
CA THR C 356 18.39 27.60 9.44
C THR C 356 17.19 28.13 8.67
N TRP C 357 17.43 29.18 7.88
CA TRP C 357 16.36 29.85 7.15
C TRP C 357 16.84 30.19 5.74
N ASP C 358 15.87 30.42 4.86
CA ASP C 358 16.15 30.70 3.45
C ASP C 358 15.05 31.58 2.89
N VAL C 359 15.44 32.50 2.01
CA VAL C 359 14.50 33.34 1.29
C VAL C 359 14.97 33.45 -0.16
N LYS C 360 14.01 33.40 -1.08
CA LYS C 360 14.33 33.53 -2.49
C LYS C 360 13.12 34.04 -3.25
N GLY C 361 13.38 34.76 -4.34
CA GLY C 361 12.34 35.24 -5.22
C GLY C 361 12.70 34.98 -6.67
N GLN C 362 11.87 34.21 -7.37
CA GLN C 362 12.19 33.78 -8.72
C GLN C 362 11.04 34.12 -9.66
N TYR C 363 11.38 34.31 -10.92
CA TYR C 363 10.46 34.75 -11.97
C TYR C 363 10.37 33.69 -13.05
N PHE C 364 9.15 33.38 -13.47
CA PHE C 364 8.89 32.36 -14.47
C PHE C 364 8.31 33.01 -15.73
N ASN C 365 8.84 32.61 -16.88
CA ASN C 365 8.34 33.09 -18.17
C ASN C 365 8.30 31.89 -19.12
N GLN C 366 7.15 31.22 -19.17
CA GLN C 366 6.96 30.05 -20.02
C GLN C 366 5.81 30.32 -20.99
N LYS C 367 6.01 29.93 -22.25
CA LYS C 367 5.06 30.24 -23.31
C LYS C 367 3.99 29.15 -23.41
N ALA C 368 3.09 29.32 -24.39
CA ALA C 368 1.94 28.43 -24.50
C ALA C 368 2.35 27.00 -24.82
N ASN C 369 3.28 26.82 -25.75
CA ASN C 369 3.71 25.50 -26.18
C ASN C 369 4.95 25.00 -25.45
N ALA C 370 5.40 25.71 -24.42
CA ALA C 370 6.59 25.31 -23.69
C ALA C 370 6.34 23.99 -22.97
N PRO C 371 7.20 22.99 -23.13
CA PRO C 371 6.99 21.71 -22.44
C PRO C 371 7.29 21.81 -20.96
N ILE C 372 6.24 21.86 -20.14
CA ILE C 372 6.38 21.88 -18.68
C ILE C 372 5.48 20.75 -18.16
N VAL C 373 6.06 19.57 -17.98
CA VAL C 373 5.27 18.41 -17.57
C VAL C 373 5.08 18.41 -16.05
N SER C 374 6.18 18.29 -15.30
CA SER C 374 6.14 18.34 -13.83
C SER C 374 7.40 19.08 -13.38
N SER C 375 7.27 20.40 -13.22
CA SER C 375 8.42 21.23 -12.89
C SER C 375 8.89 20.96 -11.47
N THR C 376 10.19 21.23 -11.24
CA THR C 376 10.75 21.08 -9.90
C THR C 376 10.37 22.21 -8.97
N TRP C 377 9.93 23.36 -9.51
CA TRP C 377 9.54 24.49 -8.71
C TRP C 377 8.06 24.39 -8.35
N ASP C 378 7.57 25.38 -7.59
CA ASP C 378 6.24 25.31 -7.00
C ASP C 378 5.27 26.32 -7.61
N GLN C 379 5.49 26.75 -8.84
CA GLN C 379 4.49 27.59 -9.50
C GLN C 379 3.23 26.77 -9.77
N ALA C 380 2.08 27.42 -9.64
CA ALA C 380 0.80 26.74 -9.78
C ALA C 380 0.40 26.49 -11.22
N TYR C 381 1.13 27.04 -12.19
CA TYR C 381 0.74 27.00 -13.59
C TYR C 381 1.79 26.22 -14.39
N ASP C 382 1.32 25.23 -15.14
CA ASP C 382 2.18 24.44 -16.02
C ASP C 382 1.37 24.13 -17.28
N LEU C 383 1.85 23.16 -18.06
CA LEU C 383 1.18 22.81 -19.31
C LEU C 383 -0.23 22.30 -19.08
N THR C 384 -0.49 21.64 -17.94
CA THR C 384 -1.79 21.08 -17.67
C THR C 384 -2.83 22.12 -17.24
N ASN C 385 -2.39 23.30 -16.80
CA ASN C 385 -3.31 24.31 -16.28
C ASN C 385 -3.46 25.53 -17.17
N THR C 386 -2.48 25.82 -18.02
CA THR C 386 -2.47 27.03 -18.82
C THR C 386 -2.64 26.71 -20.30
N SER C 387 -3.37 27.58 -21.00
CA SER C 387 -3.56 27.47 -22.44
C SER C 387 -2.78 28.51 -23.22
N ASN C 388 -2.28 29.56 -22.56
CA ASN C 388 -1.52 30.61 -23.24
C ASN C 388 -0.26 30.97 -22.47
N GLY C 389 0.31 30.01 -21.74
CA GLY C 389 1.55 30.24 -21.03
C GLY C 389 1.35 30.88 -19.68
N TYR C 390 2.45 31.01 -18.96
CA TYR C 390 2.46 31.61 -17.63
C TYR C 390 3.63 32.59 -17.53
N LYS C 391 3.42 33.66 -16.77
CA LYS C 391 4.43 34.70 -16.62
C LYS C 391 4.15 35.45 -15.33
N GLY C 392 5.05 35.31 -14.36
CA GLY C 392 4.86 35.98 -13.08
C GLY C 392 6.01 35.69 -12.15
N TYR C 393 5.93 36.30 -10.97
CA TYR C 393 6.93 36.17 -9.92
C TYR C 393 6.45 35.24 -8.82
N MET C 394 7.39 34.81 -7.98
CA MET C 394 7.08 33.95 -6.84
C MET C 394 8.15 34.13 -5.78
N ALA C 395 7.71 34.47 -4.56
CA ALA C 395 8.60 34.62 -3.42
C ALA C 395 8.30 33.52 -2.41
N SER C 396 9.35 32.82 -1.97
CA SER C 396 9.20 31.72 -1.03
C SER C 396 10.23 31.84 0.08
N VAL C 397 9.87 31.32 1.25
CA VAL C 397 10.74 31.33 2.42
C VAL C 397 10.79 29.94 3.02
N ASP C 398 11.89 29.64 3.70
CA ASP C 398 12.07 28.37 4.39
C ASP C 398 12.61 28.64 5.79
N TYR C 399 12.24 27.79 6.73
CA TYR C 399 12.71 27.91 8.11
C TYR C 399 12.63 26.54 8.78
N ALA C 400 13.72 26.13 9.42
CA ALA C 400 13.74 24.88 10.17
C ALA C 400 13.39 25.19 11.62
N VAL C 401 12.12 24.98 11.99
CA VAL C 401 11.69 25.30 13.34
C VAL C 401 12.32 24.35 14.35
N GLN C 402 12.50 23.08 13.97
CA GLN C 402 13.14 22.08 14.81
C GLN C 402 14.10 21.28 13.96
N ASP C 403 14.76 20.31 14.60
CA ASP C 403 15.61 19.39 13.86
C ASP C 403 14.76 18.44 13.03
N ASN C 404 15.05 18.34 11.74
CA ASN C 404 14.31 17.53 10.78
C ASN C 404 12.85 17.96 10.66
N VAL C 405 12.53 19.18 11.10
CA VAL C 405 11.22 19.78 10.91
C VAL C 405 11.41 21.13 10.26
N GLY C 406 10.74 21.36 9.14
CA GLY C 406 10.90 22.60 8.42
C GLY C 406 9.59 23.24 8.00
N LEU C 407 9.49 24.55 8.16
CA LEU C 407 8.32 25.31 7.77
C LEU C 407 8.62 26.06 6.48
N SER C 408 7.82 25.82 5.46
CA SER C 408 8.01 26.42 4.15
C SER C 408 6.75 27.18 3.73
N ALA C 409 6.95 28.36 3.18
CA ALA C 409 5.86 29.19 2.68
C ALA C 409 6.23 29.75 1.33
N GLY C 410 5.21 30.02 0.52
CA GLY C 410 5.42 30.57 -0.82
C GLY C 410 4.26 31.46 -1.20
N TYR C 411 4.54 32.38 -2.13
CA TYR C 411 3.54 33.34 -2.59
C TYR C 411 3.85 33.73 -4.02
N GLY C 412 3.01 33.30 -4.96
CA GLY C 412 3.13 33.69 -6.34
C GLY C 412 2.21 34.84 -6.65
N PHE C 413 2.77 35.91 -7.21
CA PHE C 413 2.04 37.14 -7.47
C PHE C 413 2.37 37.63 -8.87
N ASN C 414 1.59 38.60 -9.34
CA ASN C 414 1.76 39.18 -10.67
C ASN C 414 1.71 38.12 -11.76
N SER C 415 0.84 37.12 -11.58
CA SER C 415 0.70 36.05 -12.55
C SER C 415 -0.09 36.54 -13.75
N LYS C 416 0.45 36.34 -14.95
CA LYS C 416 -0.20 36.78 -16.18
C LYS C 416 0.06 35.75 -17.27
N ASP C 417 -0.79 35.80 -18.30
CA ASP C 417 -0.56 35.01 -19.50
C ASP C 417 0.49 35.67 -20.38
N GLN C 418 0.86 34.97 -21.45
CA GLN C 418 1.78 35.55 -22.42
C GLN C 418 1.15 36.68 -23.21
N SER C 419 -0.18 36.78 -23.21
CA SER C 419 -0.89 37.87 -23.88
C SER C 419 -1.23 39.02 -22.93
N GLY C 420 -0.79 38.94 -21.67
CA GLY C 420 -1.06 39.98 -20.70
C GLY C 420 -2.31 39.79 -19.86
N ASN C 421 -3.09 38.75 -20.12
CA ASN C 421 -4.29 38.49 -19.32
C ASN C 421 -3.89 38.05 -17.92
N ASP C 422 -4.53 38.66 -16.91
CA ASP C 422 -4.19 38.37 -15.53
C ASP C 422 -4.60 36.96 -15.14
N LEU C 423 -3.74 36.30 -14.37
CA LEU C 423 -4.03 35.01 -13.77
C LEU C 423 -4.26 35.20 -12.27
N SER C 424 -4.43 34.08 -11.56
CA SER C 424 -4.75 34.11 -10.14
C SER C 424 -3.48 33.97 -9.31
N ASP C 425 -3.32 34.85 -8.33
CA ASP C 425 -2.22 34.74 -7.40
C ASP C 425 -2.41 33.52 -6.50
N PHE C 426 -1.30 32.84 -6.20
CA PHE C 426 -1.34 31.62 -5.42
C PHE C 426 -0.35 31.75 -4.25
N TYR C 427 -0.61 30.97 -3.20
CA TYR C 427 0.19 31.00 -1.99
C TYR C 427 0.21 29.61 -1.37
N ARG C 428 1.32 29.31 -0.69
CA ARG C 428 1.59 27.96 -0.19
C ARG C 428 2.07 28.04 1.25
N ALA C 429 1.84 26.96 1.99
CA ALA C 429 2.35 26.82 3.35
C ALA C 429 2.32 25.34 3.73
N GLU C 430 3.49 24.75 3.96
CA GLU C 430 3.56 23.34 4.30
C GLU C 430 4.55 23.13 5.44
N LEU C 431 4.32 22.05 6.19
CA LEU C 431 5.22 21.60 7.25
C LEU C 431 5.83 20.27 6.83
N ASN C 432 7.16 20.20 6.83
CA ASN C 432 7.88 19.01 6.40
C ASN C 432 8.58 18.37 7.58
N TYR C 433 8.33 17.07 7.78
CA TYR C 433 8.97 16.28 8.82
C TYR C 433 9.81 15.21 8.16
N LYS C 434 11.05 15.07 8.60
CA LYS C 434 12.01 14.14 8.00
C LYS C 434 12.40 13.09 9.03
N PHE C 435 12.32 11.82 8.62
CA PHE C 435 12.75 10.72 9.48
C PHE C 435 13.23 9.54 8.65
#